data_9NHF
#
_entry.id   9NHF
#
_cell.length_a   47.274
_cell.length_b   120.934
_cell.length_c   163.845
_cell.angle_alpha   90.000
_cell.angle_beta   90.000
_cell.angle_gamma   90.000
#
_symmetry.space_group_name_H-M   'P 2 21 21'
#
loop_
_entity.id
_entity.type
_entity.pdbx_description
1 polymer 'Glycosyl hydrolase-like family 15 (GHL15) protein'
2 non-polymer 1,2-ETHANEDIOL
3 water water
#
_entity_poly.entity_id   1
_entity_poly.type   'polypeptide(L)'
_entity_poly.pdbx_seq_one_letter_code
;MGSSHHHHHHSSGLVPRGSHMQQEYYPNFSWDKVPVAFHFGKRDGLMTKDEAKFVTSRSNFIVLEKAHGAPDYEYTEDAI
AKEARKLKKLNPGMKVIFYWNSFLDYNMYKAHEVYQNHPQWWLRKQDGELDFKNKGLKRYDLSNPKVRDWWTDVAKNEIV
NGSTDGIFMDAFIQVSNPANIKLWGQKKYNDIQQGLKDLIKETREKLGDDKLIVYNGIRSTFQRNVGNNFPDYTDVVMIE
HFGHFASTSKESMLTDIQEMEKAGKSGKIVVFKAWPGFAWIDKEAMSKPYVEKQKIAKNSITFPLAAFLAGAQEHSYFIY
NWGYRMEMGCLEWYPEFDKPLGKPLNDMVINGWVLTREYEHALVWVNLETNEAKINWK
;
_entity_poly.pdbx_strand_id   A,B
#
loop_
_chem_comp.id
_chem_comp.type
_chem_comp.name
_chem_comp.formula
EDO non-polymer 1,2-ETHANEDIOL 'C2 H6 O2'
#
# COMPACT_ATOMS: atom_id res chain seq x y z
N GLN A 23 24.64 -20.79 8.69
CA GLN A 23 25.35 -19.51 8.61
C GLN A 23 26.85 -19.72 8.44
N GLU A 24 27.27 -20.99 8.39
CA GLU A 24 28.69 -21.29 8.24
C GLU A 24 29.22 -20.91 6.86
N TYR A 25 28.34 -20.82 5.86
CA TYR A 25 28.74 -20.39 4.52
C TYR A 25 28.43 -18.93 4.25
N TYR A 26 28.02 -18.19 5.28
CA TYR A 26 27.86 -16.76 5.17
C TYR A 26 29.22 -16.07 5.08
N PRO A 27 29.28 -14.89 4.46
CA PRO A 27 30.51 -14.09 4.58
C PRO A 27 30.76 -13.70 6.03
N ASN A 28 32.03 -13.61 6.38
CA ASN A 28 32.39 -13.27 7.76
C ASN A 28 31.92 -11.85 8.07
N PHE A 29 31.08 -11.72 9.09
CA PHE A 29 30.48 -10.45 9.45
C PHE A 29 31.11 -9.92 10.74
N SER A 30 31.32 -8.61 10.78
CA SER A 30 31.86 -7.96 11.96
C SER A 30 31.18 -6.61 12.15
N TRP A 31 30.98 -6.22 13.40
CA TRP A 31 30.43 -4.93 13.76
C TRP A 31 31.51 -3.87 13.97
N ASP A 32 32.78 -4.20 13.74
CA ASP A 32 33.87 -3.30 14.09
C ASP A 32 33.73 -1.96 13.39
N LYS A 33 33.39 -1.98 12.10
CA LYS A 33 33.09 -0.77 11.33
C LYS A 33 31.77 -1.00 10.61
N VAL A 34 31.34 0.00 9.85
CA VAL A 34 30.09 -0.11 9.09
C VAL A 34 30.24 -1.27 8.12
N PRO A 35 29.39 -2.30 8.20
CA PRO A 35 29.50 -3.43 7.27
C PRO A 35 29.00 -3.03 5.89
N VAL A 36 29.87 -3.19 4.89
CA VAL A 36 29.56 -2.79 3.52
C VAL A 36 29.71 -3.99 2.61
N ALA A 37 29.05 -3.91 1.46
CA ALA A 37 29.14 -4.91 0.42
C ALA A 37 29.26 -4.20 -0.92
N PHE A 38 29.55 -4.97 -1.96
CA PHE A 38 29.71 -4.42 -3.30
C PHE A 38 28.80 -5.14 -4.27
N HIS A 39 28.31 -4.38 -5.26
CA HIS A 39 27.42 -4.94 -6.26
C HIS A 39 27.59 -4.06 -7.51
N PHE A 40 28.36 -4.55 -8.48
CA PHE A 40 28.62 -3.77 -9.68
C PHE A 40 29.09 -4.69 -10.80
N GLY A 41 29.12 -4.13 -12.00
CA GLY A 41 29.80 -4.74 -13.13
C GLY A 41 30.70 -3.72 -13.78
N LYS A 42 31.97 -4.06 -13.97
CA LYS A 42 32.94 -3.13 -14.53
C LYS A 42 32.99 -3.28 -16.05
N ARG A 43 32.89 -2.15 -16.75
CA ARG A 43 33.07 -2.14 -18.18
C ARG A 43 34.54 -1.97 -18.53
N ASP A 44 34.89 -2.34 -19.76
CA ASP A 44 36.26 -2.28 -20.26
C ASP A 44 37.19 -3.17 -19.43
N GLY A 45 36.88 -4.46 -19.42
CA GLY A 45 37.75 -5.45 -18.82
C GLY A 45 37.49 -5.69 -17.34
N LEU A 46 38.28 -6.61 -16.79
CA LEU A 46 38.17 -6.98 -15.39
C LEU A 46 38.80 -5.92 -14.50
N MET A 47 38.63 -6.10 -13.19
CA MET A 47 39.20 -5.17 -12.22
C MET A 47 40.72 -5.21 -12.26
N THR A 48 41.34 -4.05 -12.07
CA THR A 48 42.78 -3.99 -11.88
C THR A 48 43.13 -4.57 -10.51
N LYS A 49 44.43 -4.78 -10.28
CA LYS A 49 44.88 -5.31 -9.00
C LYS A 49 44.55 -4.34 -7.86
N ASP A 50 44.73 -3.04 -8.11
CA ASP A 50 44.37 -2.05 -7.10
C ASP A 50 42.88 -2.06 -6.81
N GLU A 51 42.05 -2.15 -7.85
CA GLU A 51 40.60 -2.22 -7.65
C GLU A 51 40.21 -3.50 -6.93
N ALA A 52 40.82 -4.62 -7.29
CA ALA A 52 40.55 -5.87 -6.60
C ALA A 52 41.00 -5.81 -5.14
N LYS A 53 42.15 -5.20 -4.88
CA LYS A 53 42.60 -5.03 -3.50
C LYS A 53 41.68 -4.13 -2.71
N PHE A 54 41.17 -3.07 -3.34
CA PHE A 54 40.25 -2.16 -2.65
C PHE A 54 39.00 -2.89 -2.19
N VAL A 55 38.42 -3.71 -3.07
CA VAL A 55 37.15 -4.36 -2.75
C VAL A 55 37.35 -5.48 -1.75
N THR A 56 38.39 -6.31 -1.92
CA THR A 56 38.58 -7.47 -1.06
C THR A 56 39.08 -7.09 0.33
N SER A 57 39.71 -5.94 0.50
CA SER A 57 40.19 -5.51 1.81
C SER A 57 39.13 -4.79 2.62
N ARG A 58 38.02 -4.40 2.01
CA ARG A 58 36.97 -3.66 2.70
C ARG A 58 35.68 -4.42 2.88
N SER A 59 35.54 -5.59 2.25
CA SER A 59 34.32 -6.37 2.38
C SER A 59 34.64 -7.83 2.05
N ASN A 60 33.74 -8.71 2.50
CA ASN A 60 33.80 -10.13 2.18
C ASN A 60 32.67 -10.57 1.27
N PHE A 61 31.97 -9.63 0.64
CA PHE A 61 30.72 -9.94 -0.07
C PHE A 61 30.61 -9.03 -1.29
N ILE A 62 30.62 -9.63 -2.48
CA ILE A 62 30.48 -8.87 -3.72
C ILE A 62 29.57 -9.63 -4.67
N VAL A 63 28.67 -8.91 -5.33
CA VAL A 63 27.85 -9.44 -6.42
C VAL A 63 28.37 -8.86 -7.71
N LEU A 64 28.72 -9.72 -8.66
CA LEU A 64 29.22 -9.29 -9.97
C LEU A 64 28.07 -9.29 -10.96
N GLU A 65 27.87 -8.16 -11.62
CA GLU A 65 26.67 -7.91 -12.43
C GLU A 65 26.82 -8.50 -13.83
N LYS A 66 25.71 -8.45 -14.57
CA LYS A 66 25.72 -8.82 -15.97
C LYS A 66 26.61 -7.87 -16.75
N ALA A 67 27.21 -8.39 -17.83
CA ALA A 67 28.10 -7.65 -18.72
C ALA A 67 29.36 -7.18 -17.99
N HIS A 68 29.73 -7.83 -16.88
CA HIS A 68 30.99 -7.54 -16.22
C HIS A 68 32.14 -7.85 -17.18
N GLY A 69 33.09 -6.93 -17.28
CA GLY A 69 34.23 -7.09 -18.15
C GLY A 69 33.99 -6.75 -19.60
N ALA A 70 32.77 -6.38 -19.98
CA ALA A 70 32.49 -6.01 -21.36
C ALA A 70 33.19 -4.70 -21.70
N PRO A 71 33.60 -4.52 -22.97
CA PRO A 71 33.45 -5.45 -24.08
C PRO A 71 34.63 -6.40 -24.26
N ASP A 72 35.61 -6.32 -23.35
CA ASP A 72 36.80 -7.16 -23.47
C ASP A 72 36.45 -8.64 -23.37
N TYR A 73 35.50 -8.98 -22.51
CA TYR A 73 35.01 -10.35 -22.37
C TYR A 73 33.67 -10.47 -23.07
N GLU A 74 33.57 -11.42 -24.00
CA GLU A 74 32.35 -11.58 -24.79
C GLU A 74 31.20 -12.08 -23.94
N TYR A 75 31.46 -13.01 -23.01
CA TYR A 75 30.42 -13.68 -22.26
C TYR A 75 30.61 -13.40 -20.77
N THR A 76 29.50 -13.07 -20.10
CA THR A 76 29.56 -12.74 -18.67
C THR A 76 30.03 -13.92 -17.83
N GLU A 77 29.73 -15.15 -18.26
CA GLU A 77 30.12 -16.32 -17.48
C GLU A 77 31.63 -16.41 -17.33
N ASP A 78 32.37 -16.15 -18.42
CA ASP A 78 33.84 -16.21 -18.35
C ASP A 78 34.39 -15.12 -17.45
N ALA A 79 33.91 -13.89 -17.60
CA ALA A 79 34.46 -12.77 -16.85
C ALA A 79 34.21 -12.91 -15.36
N ILE A 80 32.99 -13.32 -14.98
CA ILE A 80 32.68 -13.47 -13.57
C ILE A 80 33.50 -14.60 -12.96
N ALA A 81 33.64 -15.72 -13.68
CA ALA A 81 34.40 -16.84 -13.17
C ALA A 81 35.87 -16.46 -12.97
N LYS A 82 36.44 -15.73 -13.91
CA LYS A 82 37.83 -15.29 -13.78
C LYS A 82 37.99 -14.24 -12.69
N GLU A 83 37.05 -13.30 -12.62
CA GLU A 83 37.12 -12.26 -11.60
C GLU A 83 37.00 -12.86 -10.20
N ALA A 84 36.16 -13.88 -10.04
CA ALA A 84 36.03 -14.53 -8.74
C ALA A 84 37.34 -15.16 -8.29
N ARG A 85 38.07 -15.78 -9.22
CA ARG A 85 39.36 -16.35 -8.88
C ARG A 85 40.37 -15.26 -8.48
N LYS A 86 40.36 -14.13 -9.19
CA LYS A 86 41.27 -13.05 -8.86
C LYS A 86 40.99 -12.49 -7.48
N LEU A 87 39.71 -12.30 -7.14
CA LEU A 87 39.36 -11.76 -5.83
C LEU A 87 39.70 -12.75 -4.72
N LYS A 88 39.47 -14.05 -4.96
CA LYS A 88 39.70 -15.04 -3.92
C LYS A 88 41.18 -15.27 -3.64
N LYS A 89 42.06 -14.97 -4.60
CA LYS A 89 43.49 -15.02 -4.33
C LYS A 89 43.88 -14.00 -3.27
N LEU A 90 43.31 -12.79 -3.35
CA LEU A 90 43.60 -11.75 -2.37
C LEU A 90 42.86 -11.98 -1.06
N ASN A 91 41.66 -12.55 -1.12
CA ASN A 91 40.83 -12.77 0.06
C ASN A 91 40.12 -14.11 -0.09
N PRO A 92 40.67 -15.19 0.50
CA PRO A 92 40.01 -16.49 0.38
C PRO A 92 38.61 -16.52 0.98
N GLY A 93 38.32 -15.65 1.94
CA GLY A 93 37.00 -15.58 2.53
C GLY A 93 35.99 -14.77 1.76
N MET A 94 36.38 -14.29 0.59
CA MET A 94 35.48 -13.47 -0.22
C MET A 94 34.35 -14.31 -0.80
N LYS A 95 33.12 -13.81 -0.70
CA LYS A 95 31.97 -14.45 -1.31
C LYS A 95 31.62 -13.69 -2.58
N VAL A 96 31.73 -14.36 -3.73
CA VAL A 96 31.52 -13.74 -5.04
C VAL A 96 30.26 -14.36 -5.63
N ILE A 97 29.30 -13.51 -6.00
CA ILE A 97 27.97 -13.93 -6.40
C ILE A 97 27.81 -13.75 -7.90
N PHE A 98 27.27 -14.76 -8.57
CA PHE A 98 27.07 -14.76 -10.00
C PHE A 98 25.68 -14.22 -10.33
N TYR A 99 25.62 -13.09 -11.03
CA TYR A 99 24.34 -12.50 -11.40
C TYR A 99 23.69 -13.31 -12.52
N TRP A 100 22.43 -13.67 -12.33
CA TRP A 100 21.70 -14.46 -13.30
C TRP A 100 20.23 -14.08 -13.19
N ASN A 101 19.78 -13.19 -14.08
CA ASN A 101 18.43 -12.66 -14.00
C ASN A 101 17.40 -13.76 -14.18
N SER A 102 16.39 -13.78 -13.32
CA SER A 102 15.37 -14.82 -13.32
C SER A 102 14.23 -14.54 -14.29
N PHE A 103 14.21 -13.37 -14.94
CA PHE A 103 13.06 -12.99 -15.74
C PHE A 103 13.45 -12.49 -17.13
N LEU A 104 14.65 -11.92 -17.27
CA LEU A 104 15.03 -11.22 -18.49
C LEU A 104 16.18 -11.93 -19.19
N ASP A 105 16.10 -11.99 -20.51
CA ASP A 105 17.07 -12.69 -21.35
C ASP A 105 18.06 -11.67 -21.91
N TYR A 106 19.09 -11.37 -21.13
CA TYR A 106 20.13 -10.46 -21.57
C TYR A 106 21.09 -11.17 -22.52
N ASN A 107 21.64 -10.40 -23.47
CA ASN A 107 22.31 -10.97 -24.64
C ASN A 107 23.80 -11.24 -24.44
N MET A 108 24.38 -10.90 -23.28
CA MET A 108 25.82 -11.01 -23.10
C MET A 108 26.23 -12.25 -22.32
N TYR A 109 25.37 -13.27 -22.26
CA TYR A 109 25.70 -14.55 -21.67
C TYR A 109 25.83 -15.61 -22.75
N LYS A 110 26.57 -16.68 -22.42
CA LYS A 110 26.58 -17.86 -23.29
C LYS A 110 25.18 -18.47 -23.37
N ALA A 111 24.48 -18.54 -22.23
CA ALA A 111 23.16 -19.15 -22.19
C ALA A 111 22.14 -18.41 -23.04
N HIS A 112 22.40 -17.14 -23.36
CA HIS A 112 21.49 -16.41 -24.22
C HIS A 112 21.40 -17.03 -25.59
N GLU A 113 22.53 -17.51 -26.12
CA GLU A 113 22.52 -18.19 -27.41
C GLU A 113 21.70 -19.48 -27.36
N VAL A 114 21.80 -20.22 -26.25
CA VAL A 114 20.98 -21.42 -26.10
C VAL A 114 19.51 -21.06 -26.06
N TYR A 115 19.15 -20.01 -25.32
CA TYR A 115 17.75 -19.61 -25.23
C TYR A 115 17.21 -19.15 -26.57
N GLN A 116 18.06 -18.56 -27.42
CA GLN A 116 17.62 -18.13 -28.74
C GLN A 116 17.22 -19.32 -29.60
N ASN A 117 17.89 -20.46 -29.44
CA ASN A 117 17.62 -21.65 -30.24
C ASN A 117 16.41 -22.43 -29.77
N HIS A 118 15.60 -21.89 -28.86
CA HIS A 118 14.39 -22.54 -28.38
C HIS A 118 13.22 -21.56 -28.47
N PRO A 119 12.80 -21.20 -29.68
CA PRO A 119 11.67 -20.26 -29.80
C PRO A 119 10.35 -20.81 -29.27
N GLN A 120 10.22 -22.13 -29.14
CA GLN A 120 9.02 -22.71 -28.55
C GLN A 120 8.91 -22.40 -27.06
N TRP A 121 10.02 -22.03 -26.41
CA TRP A 121 9.99 -21.65 -25.00
C TRP A 121 9.46 -20.24 -24.78
N TRP A 122 9.59 -19.36 -25.78
CA TRP A 122 9.44 -17.93 -25.57
C TRP A 122 8.05 -17.58 -25.08
N LEU A 123 7.99 -16.70 -24.08
CA LEU A 123 6.72 -16.28 -23.50
C LEU A 123 5.95 -15.41 -24.48
N ARG A 124 4.65 -15.64 -24.59
CA ARG A 124 3.77 -14.87 -25.44
C ARG A 124 2.60 -14.35 -24.62
N LYS A 125 2.17 -13.13 -24.94
CA LYS A 125 1.10 -12.48 -24.19
C LYS A 125 -0.25 -13.07 -24.59
N GLN A 126 -1.33 -12.47 -24.08
CA GLN A 126 -2.66 -12.97 -24.36
C GLN A 126 -3.00 -12.85 -25.84
N ASP A 127 -2.59 -11.75 -26.47
CA ASP A 127 -2.86 -11.52 -27.89
C ASP A 127 -1.94 -12.30 -28.81
N GLY A 128 -1.14 -13.22 -28.29
CA GLY A 128 -0.27 -14.05 -29.10
C GLY A 128 1.06 -13.43 -29.46
N GLU A 129 1.29 -12.17 -29.10
CA GLU A 129 2.56 -11.52 -29.40
C GLU A 129 3.61 -11.91 -28.38
N LEU A 130 4.85 -11.99 -28.84
CA LEU A 130 5.97 -12.31 -27.96
C LEU A 130 6.10 -11.26 -26.86
N ASP A 131 6.40 -11.72 -25.64
CA ASP A 131 6.55 -10.84 -24.50
C ASP A 131 8.01 -10.43 -24.39
N PHE A 132 8.27 -9.12 -24.51
CA PHE A 132 9.61 -8.60 -24.36
C PHE A 132 9.53 -7.15 -23.91
N LYS A 133 10.62 -6.68 -23.31
CA LYS A 133 10.74 -5.28 -22.92
C LYS A 133 11.36 -4.50 -24.07
N ASN A 134 11.75 -3.25 -23.81
CA ASN A 134 12.39 -2.44 -24.84
C ASN A 134 13.71 -3.07 -25.27
N LYS A 135 14.09 -2.80 -26.52
CA LYS A 135 15.31 -3.34 -27.15
C LYS A 135 15.25 -4.86 -27.27
N GLY A 136 14.07 -5.42 -27.51
CA GLY A 136 13.94 -6.85 -27.77
C GLY A 136 14.42 -7.76 -26.66
N LEU A 137 14.10 -7.42 -25.41
CA LEU A 137 14.55 -8.19 -24.25
C LEU A 137 13.41 -9.11 -23.82
N LYS A 138 13.49 -10.37 -24.23
CA LYS A 138 12.44 -11.34 -23.93
C LYS A 138 12.34 -11.60 -22.44
N ARG A 139 11.13 -11.94 -22.00
CA ARG A 139 10.87 -12.29 -20.61
C ARG A 139 10.54 -13.77 -20.51
N TYR A 140 11.11 -14.43 -19.51
CA TYR A 140 11.00 -15.87 -19.39
C TYR A 140 9.59 -16.28 -19.00
N ASP A 141 9.16 -17.43 -19.52
CA ASP A 141 7.92 -18.10 -19.09
C ASP A 141 8.32 -19.10 -18.02
N LEU A 142 8.27 -18.66 -16.76
CA LEU A 142 8.69 -19.49 -15.64
C LEU A 142 7.73 -20.64 -15.35
N SER A 143 6.51 -20.59 -15.90
CA SER A 143 5.59 -21.72 -15.74
C SER A 143 6.04 -22.93 -16.54
N ASN A 144 6.92 -22.75 -17.52
CA ASN A 144 7.40 -23.86 -18.34
C ASN A 144 8.50 -24.60 -17.59
N PRO A 145 8.31 -25.87 -17.26
CA PRO A 145 9.37 -26.63 -16.57
C PRO A 145 10.63 -26.79 -17.42
N LYS A 146 10.53 -26.74 -18.75
CA LYS A 146 11.73 -26.86 -19.58
C LYS A 146 12.58 -25.60 -19.47
N VAL A 147 11.95 -24.43 -19.39
CA VAL A 147 12.69 -23.20 -19.19
C VAL A 147 13.38 -23.21 -17.82
N ARG A 148 12.67 -23.67 -16.79
CA ARG A 148 13.24 -23.70 -15.45
C ARG A 148 14.43 -24.64 -15.37
N ASP A 149 14.34 -25.82 -15.99
CA ASP A 149 15.44 -26.76 -15.96
C ASP A 149 16.67 -26.20 -16.66
N TRP A 150 16.46 -25.54 -17.81
CA TRP A 150 17.58 -24.88 -18.49
C TRP A 150 18.15 -23.76 -17.64
N TRP A 151 17.27 -22.95 -17.04
CA TRP A 151 17.73 -21.81 -16.27
C TRP A 151 18.57 -22.24 -15.07
N THR A 152 18.10 -23.25 -14.34
CA THR A 152 18.84 -23.74 -13.18
C THR A 152 20.10 -24.50 -13.60
N ASP A 153 20.09 -25.09 -14.80
CA ASP A 153 21.30 -25.74 -15.29
C ASP A 153 22.41 -24.72 -15.55
N VAL A 154 22.05 -23.53 -16.03
CA VAL A 154 23.04 -22.49 -16.23
C VAL A 154 23.66 -22.07 -14.91
N ALA A 155 22.83 -21.88 -13.89
CA ALA A 155 23.35 -21.53 -12.57
C ALA A 155 24.22 -22.62 -11.99
N LYS A 156 23.78 -23.88 -12.11
CA LYS A 156 24.55 -24.99 -11.56
C LYS A 156 25.91 -25.12 -12.24
N ASN A 157 25.94 -25.03 -13.58
CA ASN A 157 27.19 -25.23 -14.31
C ASN A 157 28.20 -24.13 -14.01
N GLU A 158 27.73 -22.93 -13.64
CA GLU A 158 28.61 -21.82 -13.33
C GLU A 158 29.08 -21.83 -11.88
N ILE A 159 28.26 -22.32 -10.96
CA ILE A 159 28.47 -22.12 -9.53
C ILE A 159 29.04 -23.35 -8.85
N VAL A 160 28.40 -24.51 -9.01
CA VAL A 160 28.87 -25.71 -8.33
C VAL A 160 30.20 -26.14 -8.94
N ASN A 161 31.15 -26.50 -8.07
CA ASN A 161 32.53 -26.78 -8.46
C ASN A 161 33.18 -25.62 -9.21
N GLY A 162 32.59 -24.42 -9.10
CA GLY A 162 33.10 -23.24 -9.76
C GLY A 162 33.70 -22.24 -8.79
N SER A 163 34.12 -21.11 -9.35
CA SER A 163 34.78 -20.08 -8.57
C SER A 163 33.81 -19.21 -7.78
N THR A 164 32.55 -19.14 -8.18
CA THR A 164 31.57 -18.32 -7.47
C THR A 164 30.95 -19.10 -6.32
N ASP A 165 30.39 -18.36 -5.36
CA ASP A 165 29.81 -18.93 -4.16
C ASP A 165 28.30 -18.82 -4.10
N GLY A 166 27.65 -18.33 -5.15
CA GLY A 166 26.21 -18.20 -5.11
C GLY A 166 25.67 -17.48 -6.33
N ILE A 167 24.37 -17.20 -6.28
CA ILE A 167 23.62 -16.66 -7.41
C ILE A 167 22.82 -15.46 -6.94
N PHE A 168 22.72 -14.45 -7.80
CA PHE A 168 21.84 -13.30 -7.59
C PHE A 168 20.67 -13.43 -8.56
N MET A 169 19.52 -13.84 -8.05
CA MET A 169 18.30 -13.94 -8.85
C MET A 169 17.58 -12.61 -8.78
N ASP A 170 17.51 -11.91 -9.91
CA ASP A 170 16.95 -10.57 -9.97
C ASP A 170 15.57 -10.58 -10.62
N ALA A 171 14.93 -9.42 -10.58
CA ALA A 171 13.66 -9.15 -11.29
C ALA A 171 12.49 -9.96 -10.72
N PHE A 172 12.53 -10.27 -9.42
CA PHE A 172 11.38 -10.92 -8.80
C PHE A 172 10.16 -10.00 -8.79
N ILE A 173 10.39 -8.71 -8.52
CA ILE A 173 9.28 -7.75 -8.46
C ILE A 173 8.61 -7.61 -9.81
N GLN A 174 9.40 -7.59 -10.89
CA GLN A 174 8.84 -7.47 -12.23
C GLN A 174 7.95 -8.67 -12.58
N VAL A 175 8.27 -9.85 -12.05
CA VAL A 175 7.46 -11.04 -12.31
C VAL A 175 6.06 -10.86 -11.73
N SER A 176 5.98 -10.34 -10.51
CA SER A 176 4.72 -10.21 -9.78
C SER A 176 4.00 -8.90 -10.05
N ASN A 177 4.48 -8.10 -10.99
CA ASN A 177 3.86 -6.83 -11.31
C ASN A 177 2.41 -7.06 -11.74
N PRO A 178 1.43 -6.45 -11.09
CA PRO A 178 0.03 -6.69 -11.47
C PRO A 178 -0.30 -6.28 -12.88
N ALA A 179 0.50 -5.41 -13.50
CA ALA A 179 0.26 -5.05 -14.90
C ALA A 179 0.44 -6.25 -15.83
N ASN A 180 1.10 -7.32 -15.36
CA ASN A 180 1.28 -8.51 -16.19
C ASN A 180 -0.01 -9.30 -16.36
N ILE A 181 -0.98 -9.15 -15.46
CA ILE A 181 -2.25 -9.85 -15.60
C ILE A 181 -2.98 -9.40 -16.86
N LYS A 182 -2.92 -8.10 -17.16
CA LYS A 182 -3.50 -7.61 -18.40
C LYS A 182 -2.83 -8.22 -19.62
N LEU A 183 -1.52 -8.48 -19.55
CA LEU A 183 -0.80 -9.03 -20.69
C LEU A 183 -0.95 -10.55 -20.79
N TRP A 184 -0.99 -11.24 -19.64
CA TRP A 184 -1.01 -12.69 -19.63
C TRP A 184 -2.39 -13.29 -19.38
N GLY A 185 -3.26 -12.58 -18.69
CA GLY A 185 -4.43 -13.23 -18.14
C GLY A 185 -4.16 -13.80 -16.75
N GLN A 186 -5.23 -13.92 -15.97
CA GLN A 186 -5.07 -14.32 -14.57
C GLN A 186 -4.49 -15.72 -14.45
N LYS A 187 -4.95 -16.65 -15.30
CA LYS A 187 -4.49 -18.03 -15.20
C LYS A 187 -2.99 -18.14 -15.50
N LYS A 188 -2.54 -17.51 -16.59
CA LYS A 188 -1.12 -17.55 -16.93
C LYS A 188 -0.29 -16.85 -15.88
N TYR A 189 -0.79 -15.73 -15.34
CA TYR A 189 -0.08 -15.02 -14.29
C TYR A 189 0.12 -15.89 -13.06
N ASN A 190 -0.92 -16.63 -12.67
CA ASN A 190 -0.82 -17.48 -11.49
C ASN A 190 0.19 -18.61 -11.70
N ASP A 191 0.20 -19.22 -12.89
CA ASP A 191 1.16 -20.27 -13.17
C ASP A 191 2.58 -19.74 -13.17
N ILE A 192 2.79 -18.52 -13.68
CA ILE A 192 4.12 -17.93 -13.68
C ILE A 192 4.57 -17.61 -12.26
N GLN A 193 3.65 -17.12 -11.42
CA GLN A 193 4.00 -16.88 -10.02
C GLN A 193 4.41 -18.17 -9.32
N GLN A 194 3.66 -19.25 -9.57
CA GLN A 194 4.04 -20.54 -9.01
C GLN A 194 5.35 -21.05 -9.61
N GLY A 195 5.57 -20.78 -10.91
CA GLY A 195 6.82 -21.17 -11.52
C GLY A 195 8.03 -20.50 -10.89
N LEU A 196 7.88 -19.25 -10.44
CA LEU A 196 8.96 -18.58 -9.74
C LEU A 196 9.30 -19.29 -8.44
N LYS A 197 8.29 -19.73 -7.69
CA LYS A 197 8.54 -20.48 -6.47
C LYS A 197 9.28 -21.79 -6.77
N ASP A 198 8.86 -22.48 -7.83
CA ASP A 198 9.54 -23.72 -8.21
C ASP A 198 10.97 -23.45 -8.64
N LEU A 199 11.21 -22.34 -9.35
CA LEU A 199 12.55 -22.03 -9.81
C LEU A 199 13.52 -21.87 -8.64
N ILE A 200 13.07 -21.19 -7.57
CA ILE A 200 13.93 -21.02 -6.40
C ILE A 200 14.25 -22.36 -5.76
N LYS A 201 13.22 -23.22 -5.62
CA LYS A 201 13.44 -24.53 -5.02
C LYS A 201 14.37 -25.38 -5.88
N GLU A 202 14.17 -25.36 -7.20
CA GLU A 202 15.06 -26.11 -8.10
C GLU A 202 16.48 -25.56 -8.04
N THR A 203 16.62 -24.24 -7.92
CA THR A 203 17.96 -23.65 -7.82
C THR A 203 18.70 -24.15 -6.59
N ARG A 204 18.01 -24.19 -5.44
CA ARG A 204 18.64 -24.70 -4.23
C ARG A 204 19.00 -26.17 -4.36
N GLU A 205 18.16 -26.95 -5.05
CA GLU A 205 18.43 -28.36 -5.24
C GLU A 205 19.72 -28.58 -6.02
N LYS A 206 19.90 -27.84 -7.12
CA LYS A 206 21.07 -28.02 -7.96
C LYS A 206 22.32 -27.38 -7.38
N LEU A 207 22.18 -26.26 -6.68
CA LEU A 207 23.36 -25.57 -6.14
C LEU A 207 23.93 -26.26 -4.92
N GLY A 208 23.09 -26.86 -4.09
CA GLY A 208 23.55 -27.49 -2.87
C GLY A 208 23.31 -26.62 -1.65
N ASP A 209 23.89 -27.06 -0.53
CA ASP A 209 23.68 -26.40 0.75
C ASP A 209 24.74 -25.35 1.07
N ASP A 210 25.87 -25.36 0.38
CA ASP A 210 26.98 -24.47 0.70
C ASP A 210 27.04 -23.24 -0.22
N LYS A 211 26.01 -22.99 -1.01
CA LYS A 211 25.99 -21.86 -1.93
C LYS A 211 24.91 -20.87 -1.50
N LEU A 212 25.21 -19.59 -1.64
CA LEU A 212 24.29 -18.52 -1.25
C LEU A 212 23.31 -18.24 -2.38
N ILE A 213 22.07 -17.92 -2.01
CA ILE A 213 21.05 -17.52 -2.96
C ILE A 213 20.57 -16.13 -2.59
N VAL A 214 20.82 -15.16 -3.48
CA VAL A 214 20.41 -13.78 -3.29
C VAL A 214 19.24 -13.50 -4.23
N TYR A 215 18.26 -12.75 -3.74
CA TYR A 215 17.14 -12.33 -4.57
C TYR A 215 16.77 -10.89 -4.24
N ASN A 216 16.28 -10.18 -5.26
CA ASN A 216 15.88 -8.79 -5.11
C ASN A 216 14.45 -8.77 -4.57
N GLY A 217 14.31 -8.45 -3.28
CA GLY A 217 13.06 -8.60 -2.57
C GLY A 217 12.38 -7.31 -2.18
N ILE A 218 12.65 -6.87 -0.95
CA ILE A 218 11.91 -5.79 -0.32
C ILE A 218 11.84 -4.57 -1.24
N ARG A 219 10.62 -4.05 -1.42
CA ARG A 219 10.39 -2.84 -2.20
C ARG A 219 9.07 -2.24 -1.72
N SER A 220 9.13 -1.04 -1.16
CA SER A 220 7.97 -0.37 -0.60
C SER A 220 7.65 0.87 -1.43
N THR A 221 6.44 0.90 -1.99
CA THR A 221 5.94 2.03 -2.75
C THR A 221 4.52 2.36 -2.30
N PHE A 222 4.01 3.49 -2.78
CA PHE A 222 2.63 3.87 -2.47
C PHE A 222 1.65 2.85 -3.01
N GLN A 223 1.92 2.31 -4.21
CA GLN A 223 0.99 1.38 -4.83
C GLN A 223 1.13 -0.03 -4.25
N ARG A 224 2.36 -0.53 -4.15
CA ARG A 224 2.62 -1.90 -3.76
C ARG A 224 3.71 -1.96 -2.70
N ASN A 225 3.54 -2.87 -1.73
CA ASN A 225 4.54 -3.14 -0.71
C ASN A 225 4.94 -4.60 -0.81
N VAL A 226 6.22 -4.85 -1.06
CA VAL A 226 6.77 -6.19 -1.18
C VAL A 226 7.84 -6.37 -0.11
N GLY A 227 7.69 -7.41 0.70
CA GLY A 227 8.62 -7.71 1.77
C GLY A 227 9.51 -8.89 1.43
N ASN A 228 9.95 -9.59 2.47
CA ASN A 228 10.73 -10.82 2.31
C ASN A 228 9.76 -11.97 2.00
N ASN A 229 9.23 -11.92 0.77
CA ASN A 229 8.14 -12.81 0.37
C ASN A 229 8.62 -14.12 -0.25
N PHE A 230 9.94 -14.33 -0.33
CA PHE A 230 10.50 -15.62 -0.75
C PHE A 230 11.56 -16.05 0.26
N PRO A 231 11.16 -16.33 1.50
CA PRO A 231 12.16 -16.68 2.52
C PRO A 231 12.68 -18.11 2.41
N ASP A 232 11.93 -19.02 1.79
CA ASP A 232 12.38 -20.40 1.68
C ASP A 232 13.57 -20.51 0.73
N TYR A 233 14.57 -21.28 1.14
CA TYR A 233 15.76 -21.64 0.38
C TYR A 233 16.68 -20.47 0.06
N THR A 234 16.33 -19.25 0.47
CA THR A 234 17.12 -18.07 0.14
C THR A 234 17.90 -17.60 1.36
N ASP A 235 19.05 -16.99 1.11
CA ASP A 235 19.95 -16.53 2.16
C ASP A 235 20.08 -15.02 2.23
N VAL A 236 19.96 -14.31 1.11
CA VAL A 236 20.16 -12.88 1.06
C VAL A 236 18.97 -12.23 0.36
N VAL A 237 18.47 -11.13 0.92
CA VAL A 237 17.40 -10.35 0.32
C VAL A 237 17.88 -8.91 0.22
N MET A 238 17.60 -8.28 -0.93
CA MET A 238 18.08 -6.94 -1.22
C MET A 238 16.97 -5.91 -1.04
N ILE A 239 17.33 -4.75 -0.49
CA ILE A 239 16.49 -3.56 -0.50
C ILE A 239 17.13 -2.61 -1.50
N GLU A 240 16.64 -2.64 -2.74
CA GLU A 240 17.32 -1.97 -3.85
C GLU A 240 17.11 -0.46 -3.85
N HIS A 241 15.92 0.01 -3.45
CA HIS A 241 15.48 1.37 -3.73
C HIS A 241 15.21 2.17 -2.46
N PHE A 242 16.06 2.05 -1.45
CA PHE A 242 15.79 2.79 -0.22
C PHE A 242 15.90 4.29 -0.45
N GLY A 243 14.88 5.03 -0.02
CA GLY A 243 14.91 6.47 -0.07
C GLY A 243 15.07 7.06 -1.45
N HIS A 244 14.71 6.32 -2.49
CA HIS A 244 14.88 6.80 -3.85
C HIS A 244 13.82 6.18 -4.74
N PHE A 245 13.73 6.70 -5.97
CA PHE A 245 12.78 6.23 -6.98
C PHE A 245 11.36 6.42 -6.42
N ALA A 246 10.56 5.37 -6.27
CA ALA A 246 9.22 5.48 -5.76
C ALA A 246 9.12 5.17 -4.27
N SER A 247 10.25 5.09 -3.58
CA SER A 247 10.28 4.70 -2.17
C SER A 247 10.82 5.82 -1.28
N THR A 248 10.57 7.08 -1.66
CA THR A 248 11.10 8.22 -0.92
C THR A 248 10.21 8.65 0.23
N SER A 249 8.98 8.16 0.32
CA SER A 249 8.09 8.61 1.38
C SER A 249 8.53 8.06 2.73
N LYS A 250 8.12 8.76 3.79
CA LYS A 250 8.42 8.30 5.15
C LYS A 250 7.79 6.95 5.43
N GLU A 251 6.61 6.68 4.87
CA GLU A 251 5.97 5.38 5.05
C GLU A 251 6.80 4.28 4.36
N SER A 252 7.24 4.55 3.13
CA SER A 252 8.04 3.56 2.41
C SER A 252 9.38 3.31 3.08
N MET A 253 10.04 4.38 3.53
CA MET A 253 11.35 4.23 4.17
C MET A 253 11.25 3.45 5.47
N LEU A 254 10.22 3.73 6.28
CA LEU A 254 10.03 3.00 7.53
C LEU A 254 9.77 1.52 7.27
N THR A 255 8.95 1.22 6.26
CA THR A 255 8.68 -0.17 5.91
C THR A 255 9.96 -0.88 5.47
N ASP A 256 10.77 -0.22 4.66
CA ASP A 256 12.03 -0.83 4.21
C ASP A 256 12.95 -1.13 5.38
N ILE A 257 13.07 -0.20 6.33
CA ILE A 257 13.93 -0.41 7.48
C ILE A 257 13.39 -1.53 8.37
N GLN A 258 12.07 -1.56 8.57
CA GLN A 258 11.48 -2.62 9.38
C GLN A 258 11.62 -3.97 8.70
N GLU A 259 11.53 -4.01 7.37
CA GLU A 259 11.73 -5.28 6.66
C GLU A 259 13.15 -5.78 6.81
N MET A 260 14.14 -4.87 6.79
CA MET A 260 15.51 -5.27 7.07
C MET A 260 15.64 -5.86 8.47
N GLU A 261 15.04 -5.19 9.45
CA GLU A 261 15.10 -5.68 10.83
C GLU A 261 14.43 -7.04 10.96
N LYS A 262 13.27 -7.21 10.33
CA LYS A 262 12.57 -8.49 10.39
C LYS A 262 13.35 -9.59 9.67
N ALA A 263 13.86 -9.29 8.47
CA ALA A 263 14.62 -10.29 7.72
C ALA A 263 15.91 -10.66 8.44
N GLY A 264 16.61 -9.66 8.98
CA GLY A 264 17.85 -9.95 9.69
C GLY A 264 17.62 -10.80 10.93
N LYS A 265 16.56 -10.51 11.68
CA LYS A 265 16.24 -11.30 12.86
C LYS A 265 15.85 -12.73 12.51
N SER A 266 15.40 -12.97 11.27
CA SER A 266 15.11 -14.32 10.81
C SER A 266 16.37 -15.07 10.39
N GLY A 267 17.53 -14.41 10.37
CA GLY A 267 18.77 -15.03 9.95
C GLY A 267 19.20 -14.70 8.55
N LYS A 268 18.49 -13.80 7.86
CA LYS A 268 18.82 -13.47 6.48
C LYS A 268 19.93 -12.44 6.41
N ILE A 269 20.79 -12.59 5.40
CA ILE A 269 21.64 -11.49 4.99
C ILE A 269 20.80 -10.46 4.27
N VAL A 270 20.93 -9.19 4.63
CA VAL A 270 20.18 -8.11 3.99
C VAL A 270 21.16 -7.16 3.35
N VAL A 271 20.91 -6.81 2.08
CA VAL A 271 21.69 -5.82 1.36
C VAL A 271 20.86 -4.55 1.28
N PHE A 272 21.36 -3.48 1.89
CA PHE A 272 20.66 -2.21 2.02
C PHE A 272 21.30 -1.24 1.03
N LYS A 273 20.65 -1.04 -0.12
CA LYS A 273 21.20 -0.22 -1.19
C LYS A 273 20.66 1.20 -1.07
N ALA A 274 21.57 2.15 -0.85
CA ALA A 274 21.23 3.56 -0.70
C ALA A 274 21.79 4.36 -1.87
N TRP A 275 21.28 5.58 -2.00
CA TRP A 275 21.59 6.43 -3.14
C TRP A 275 21.90 7.85 -2.66
N PRO A 276 22.77 8.57 -3.38
CA PRO A 276 23.14 9.93 -2.95
C PRO A 276 22.20 11.01 -3.45
N GLY A 277 20.89 10.77 -3.36
CA GLY A 277 19.93 11.74 -3.86
C GLY A 277 19.83 11.81 -5.37
N PHE A 278 20.50 10.91 -6.09
CA PHE A 278 20.39 10.85 -7.54
C PHE A 278 20.81 9.44 -7.98
N ALA A 279 20.47 9.11 -9.22
CA ALA A 279 20.76 7.79 -9.77
C ALA A 279 21.29 7.95 -11.18
N TRP A 280 21.86 6.86 -11.71
CA TRP A 280 22.44 6.87 -13.05
C TRP A 280 21.39 7.10 -14.13
N ILE A 281 20.11 6.90 -13.82
CA ILE A 281 19.05 7.19 -14.78
C ILE A 281 18.71 8.68 -14.84
N ASP A 282 19.30 9.49 -13.97
CA ASP A 282 19.09 10.94 -13.99
C ASP A 282 20.08 11.55 -14.97
N LYS A 283 19.57 11.99 -16.13
CA LYS A 283 20.43 12.47 -17.21
C LYS A 283 21.20 13.72 -16.80
N GLU A 284 20.53 14.67 -16.16
CA GLU A 284 21.18 15.93 -15.79
C GLU A 284 22.23 15.72 -14.70
N ALA A 285 21.95 14.83 -13.75
CA ALA A 285 22.92 14.55 -12.69
C ALA A 285 24.13 13.80 -13.24
N MET A 286 23.91 12.92 -14.22
CA MET A 286 25.02 12.18 -14.81
C MET A 286 25.94 13.07 -15.64
N SER A 287 25.45 14.23 -16.10
CA SER A 287 26.29 15.16 -16.84
C SER A 287 27.11 16.07 -15.93
N LYS A 288 26.90 15.98 -14.61
CA LYS A 288 27.70 16.76 -13.67
C LYS A 288 29.14 16.28 -13.70
N PRO A 289 30.08 17.14 -13.30
CA PRO A 289 31.45 16.67 -13.11
C PRO A 289 31.51 15.59 -12.05
N TYR A 290 32.44 14.65 -12.22
CA TYR A 290 32.54 13.54 -11.28
C TYR A 290 32.85 14.03 -9.87
N VAL A 291 33.69 15.05 -9.75
CA VAL A 291 34.00 15.58 -8.42
C VAL A 291 32.76 16.18 -7.78
N GLU A 292 31.84 16.74 -8.57
CA GLU A 292 30.58 17.22 -8.01
C GLU A 292 29.72 16.05 -7.54
N LYS A 293 29.73 14.94 -8.29
CA LYS A 293 29.00 13.75 -7.84
C LYS A 293 29.57 13.23 -6.54
N GLN A 294 30.90 13.24 -6.40
CA GLN A 294 31.53 12.83 -5.15
C GLN A 294 31.10 13.73 -4.00
N LYS A 295 31.11 15.05 -4.23
CA LYS A 295 30.78 15.99 -3.17
C LYS A 295 29.34 15.84 -2.73
N ILE A 296 28.42 15.64 -3.68
CA ILE A 296 27.02 15.41 -3.33
C ILE A 296 26.88 14.11 -2.55
N ALA A 297 27.54 13.05 -3.02
CA ALA A 297 27.47 11.77 -2.34
C ALA A 297 28.07 11.84 -0.95
N LYS A 298 29.19 12.55 -0.82
CA LYS A 298 29.81 12.72 0.50
C LYS A 298 28.89 13.47 1.45
N ASN A 299 28.15 14.46 0.92
CA ASN A 299 27.28 15.28 1.75
C ASN A 299 25.92 14.64 2.01
N SER A 300 25.55 13.61 1.25
CA SER A 300 24.22 13.01 1.34
C SER A 300 24.22 11.63 1.99
N ILE A 301 25.34 11.22 2.59
CA ILE A 301 25.44 9.86 3.13
C ILE A 301 24.85 9.72 4.52
N THR A 302 24.74 10.81 5.29
CA THR A 302 24.40 10.69 6.70
C THR A 302 22.99 10.11 6.89
N PHE A 303 22.01 10.61 6.14
CA PHE A 303 20.64 10.13 6.32
C PHE A 303 20.47 8.66 5.95
N PRO A 304 20.88 8.18 4.78
CA PRO A 304 20.70 6.74 4.49
C PRO A 304 21.54 5.85 5.38
N LEU A 305 22.74 6.28 5.79
CA LEU A 305 23.55 5.45 6.68
C LEU A 305 22.93 5.37 8.07
N ALA A 306 22.40 6.48 8.58
CA ALA A 306 21.70 6.44 9.87
C ALA A 306 20.47 5.56 9.79
N ALA A 307 19.74 5.62 8.68
CA ALA A 307 18.58 4.75 8.50
C ALA A 307 19.00 3.29 8.45
N PHE A 308 20.12 2.99 7.78
CA PHE A 308 20.62 1.62 7.76
C PHE A 308 21.00 1.16 9.16
N LEU A 309 21.81 1.97 9.87
CA LEU A 309 22.24 1.60 11.21
C LEU A 309 21.08 1.52 12.19
N ALA A 310 19.97 2.21 11.92
CA ALA A 310 18.82 2.15 12.82
C ALA A 310 18.25 0.74 12.89
N GLY A 311 18.12 0.07 11.74
CA GLY A 311 17.49 -1.24 11.71
C GLY A 311 18.43 -2.38 11.36
N ALA A 312 19.71 -2.08 11.19
CA ALA A 312 20.67 -3.10 10.78
C ALA A 312 20.76 -4.21 11.83
N GLN A 313 20.81 -5.45 11.35
CA GLN A 313 21.01 -6.63 12.18
C GLN A 313 22.32 -7.29 11.78
N GLU A 314 22.64 -8.41 12.44
CA GLU A 314 23.80 -9.18 12.02
C GLU A 314 23.60 -9.65 10.58
N HIS A 315 24.69 -9.57 9.81
CA HIS A 315 24.72 -9.89 8.38
C HIS A 315 23.93 -8.89 7.53
N SER A 316 23.71 -7.68 8.02
CA SER A 316 23.15 -6.61 7.21
C SER A 316 24.28 -5.78 6.61
N TYR A 317 24.15 -5.43 5.33
CA TYR A 317 25.22 -4.78 4.60
C TYR A 317 24.73 -3.51 3.92
N PHE A 318 25.61 -2.52 3.87
CA PHE A 318 25.31 -1.20 3.33
C PHE A 318 26.02 -1.01 2.01
N ILE A 319 25.29 -0.52 1.00
CA ILE A 319 25.86 -0.19 -0.30
C ILE A 319 25.39 1.22 -0.65
N TYR A 320 26.35 2.08 -1.02
CA TYR A 320 26.07 3.50 -1.24
C TYR A 320 26.80 3.95 -2.50
N ASN A 321 26.05 4.20 -3.56
CA ASN A 321 26.56 4.68 -4.85
C ASN A 321 25.36 5.07 -5.69
N TRP A 322 25.59 5.44 -6.95
CA TRP A 322 24.51 5.88 -7.83
C TRP A 322 24.37 5.01 -9.07
N GLY A 323 24.80 3.76 -9.04
CA GLY A 323 24.61 2.89 -10.18
C GLY A 323 25.24 1.53 -9.96
N TYR A 324 25.05 0.67 -10.96
CA TYR A 324 25.56 -0.69 -10.91
C TYR A 324 26.73 -0.93 -11.85
N ARG A 325 27.17 0.08 -12.58
CA ARG A 325 28.47 0.03 -13.24
C ARG A 325 29.52 0.58 -12.29
N MET A 326 30.70 -0.04 -12.30
CA MET A 326 31.71 0.23 -11.28
C MET A 326 32.05 1.72 -11.20
N GLU A 327 32.05 2.40 -12.34
CA GLU A 327 32.44 3.81 -12.37
C GLU A 327 31.41 4.74 -11.75
N MET A 328 30.21 4.25 -11.46
CA MET A 328 29.17 5.11 -10.89
C MET A 328 29.27 5.18 -9.37
N GLY A 329 30.45 5.54 -8.88
CA GLY A 329 30.66 5.76 -7.47
C GLY A 329 30.82 4.51 -6.63
N CYS A 330 30.92 3.34 -7.26
CA CYS A 330 30.95 2.09 -6.50
C CYS A 330 32.22 1.95 -5.67
N LEU A 331 33.35 2.49 -6.15
CA LEU A 331 34.61 2.38 -5.43
C LEU A 331 34.94 3.63 -4.62
N GLU A 332 33.98 4.53 -4.44
CA GLU A 332 34.18 5.65 -3.54
C GLU A 332 34.23 5.16 -2.09
N TRP A 333 34.97 5.88 -1.26
CA TRP A 333 35.08 5.57 0.15
C TRP A 333 34.79 6.83 0.97
N TYR A 334 34.27 6.62 2.17
CA TYR A 334 33.82 7.73 2.99
C TYR A 334 34.36 7.59 4.41
N PRO A 335 34.61 8.70 5.09
CA PRO A 335 35.15 8.62 6.46
C PRO A 335 34.24 7.87 7.42
N GLU A 336 32.93 7.88 7.17
CA GLU A 336 32.00 7.13 8.01
C GLU A 336 32.30 5.64 7.99
N PHE A 337 32.87 5.14 6.90
CA PHE A 337 33.18 3.72 6.78
C PHE A 337 34.49 3.34 7.49
N ASP A 338 35.25 4.32 7.98
CA ASP A 338 36.46 4.05 8.75
C ASP A 338 36.27 4.21 10.25
N LYS A 339 35.19 4.85 10.68
CA LYS A 339 34.98 5.08 12.10
C LYS A 339 34.63 3.77 12.80
N PRO A 340 35.11 3.56 14.03
CA PRO A 340 34.65 2.40 14.80
C PRO A 340 33.15 2.46 15.04
N LEU A 341 32.51 1.30 14.96
CA LEU A 341 31.08 1.19 15.16
C LEU A 341 30.73 0.37 16.39
N GLY A 342 31.22 -0.87 16.47
CA GLY A 342 30.93 -1.72 17.60
C GLY A 342 29.59 -2.41 17.48
N LYS A 343 29.32 -3.31 18.43
CA LYS A 343 28.09 -4.06 18.42
C LYS A 343 26.91 -3.17 18.79
N PRO A 344 25.72 -3.45 18.26
CA PRO A 344 24.52 -2.74 18.72
C PRO A 344 24.21 -3.11 20.17
N LEU A 345 23.83 -2.10 20.95
CA LEU A 345 23.51 -2.31 22.36
C LEU A 345 22.03 -2.51 22.62
N ASN A 346 21.16 -2.10 21.70
CA ASN A 346 19.73 -2.26 21.86
C ASN A 346 19.10 -2.51 20.50
N ASP A 347 17.81 -2.79 20.52
CA ASP A 347 17.05 -2.89 19.28
C ASP A 347 16.62 -1.49 18.83
N MET A 348 16.16 -1.42 17.58
CA MET A 348 15.68 -0.16 17.04
C MET A 348 14.50 0.35 17.84
N VAL A 349 14.51 1.65 18.15
CA VAL A 349 13.43 2.31 18.87
C VAL A 349 12.73 3.24 17.90
N ILE A 350 11.41 3.09 17.79
CA ILE A 350 10.58 3.89 16.90
C ILE A 350 9.76 4.85 17.75
N ASN A 351 9.85 6.15 17.43
CA ASN A 351 9.09 7.19 18.11
C ASN A 351 8.44 8.03 17.02
N GLY A 352 7.25 7.63 16.59
CA GLY A 352 6.62 8.25 15.45
C GLY A 352 7.38 7.97 14.17
N TRP A 353 8.02 8.99 13.62
CA TRP A 353 8.89 8.84 12.45
C TRP A 353 10.36 9.00 12.80
N VAL A 354 10.70 8.94 14.08
CA VAL A 354 12.07 9.10 14.56
C VAL A 354 12.58 7.73 15.00
N LEU A 355 13.71 7.32 14.44
CA LEU A 355 14.35 6.05 14.79
C LEU A 355 15.66 6.34 15.50
N THR A 356 15.92 5.58 16.56
CA THR A 356 17.16 5.68 17.32
C THR A 356 17.76 4.30 17.52
N ARG A 357 19.09 4.27 17.59
CA ARG A 357 19.82 3.03 17.83
C ARG A 357 21.17 3.38 18.44
N GLU A 358 21.60 2.61 19.43
CA GLU A 358 22.86 2.85 20.11
C GLU A 358 23.82 1.72 19.82
N TYR A 359 25.00 2.07 19.32
CA TYR A 359 26.11 1.15 19.15
C TYR A 359 27.20 1.47 20.18
N GLU A 360 28.21 0.60 20.24
CA GLU A 360 29.30 0.79 21.21
C GLU A 360 29.99 2.14 21.00
N HIS A 361 30.11 2.58 19.75
CA HIS A 361 30.84 3.80 19.43
C HIS A 361 30.04 4.74 18.54
N ALA A 362 28.71 4.61 18.50
CA ALA A 362 27.89 5.49 17.69
C ALA A 362 26.47 5.49 18.21
N LEU A 363 25.87 6.67 18.28
CA LEU A 363 24.46 6.83 18.60
C LEU A 363 23.74 7.37 17.38
N VAL A 364 22.71 6.66 16.94
CA VAL A 364 22.05 6.91 15.67
C VAL A 364 20.71 7.57 15.92
N TRP A 365 20.44 8.66 15.20
CA TRP A 365 19.17 9.36 15.26
C TRP A 365 18.78 9.74 13.84
N VAL A 366 17.53 9.45 13.46
CA VAL A 366 17.07 9.76 12.10
C VAL A 366 15.57 10.04 12.17
N ASN A 367 15.15 11.12 11.52
CA ASN A 367 13.74 11.51 11.41
C ASN A 367 13.33 11.31 9.96
N LEU A 368 12.53 10.27 9.70
CA LEU A 368 12.12 9.98 8.34
C LEU A 368 11.16 11.04 7.79
N GLU A 369 10.41 11.71 8.66
CA GLU A 369 9.46 12.72 8.21
C GLU A 369 10.18 13.95 7.67
N THR A 370 11.17 14.46 8.41
CA THR A 370 11.88 15.67 8.02
C THR A 370 13.14 15.39 7.21
N ASN A 371 13.47 14.12 6.97
CA ASN A 371 14.70 13.74 6.26
C ASN A 371 15.95 14.28 6.95
N GLU A 372 15.93 14.33 8.27
CA GLU A 372 17.08 14.75 9.07
C GLU A 372 17.65 13.56 9.81
N ALA A 373 18.98 13.53 9.95
CA ALA A 373 19.64 12.44 10.62
C ALA A 373 20.94 12.94 11.24
N LYS A 374 21.39 12.22 12.27
CA LYS A 374 22.64 12.52 12.93
C LYS A 374 23.23 11.23 13.47
N ILE A 375 24.53 11.03 13.23
CA ILE A 375 25.26 9.88 13.77
C ILE A 375 26.30 10.45 14.72
N ASN A 376 26.10 10.24 16.02
CA ASN A 376 27.01 10.76 17.04
C ASN A 376 28.08 9.70 17.30
N TRP A 377 29.17 9.77 16.55
CA TRP A 377 30.30 8.88 16.79
C TRP A 377 30.96 9.24 18.11
N LYS A 378 31.34 8.23 18.87
CA LYS A 378 31.94 8.45 20.18
C LYS A 378 33.00 7.40 20.50
N GLN B 23 -39.42 6.01 9.09
CA GLN B 23 -39.91 5.88 10.45
C GLN B 23 -39.91 7.24 11.17
N GLU B 24 -40.36 7.24 12.42
CA GLU B 24 -40.48 8.49 13.17
C GLU B 24 -39.14 9.07 13.58
N TYR B 25 -38.09 8.25 13.64
CA TYR B 25 -36.77 8.71 14.05
C TYR B 25 -35.83 8.95 12.87
N TYR B 26 -36.32 8.81 11.64
CA TYR B 26 -35.53 9.17 10.49
C TYR B 26 -35.42 10.69 10.40
N PRO B 27 -34.35 11.21 9.78
CA PRO B 27 -34.32 12.63 9.44
C PRO B 27 -35.46 12.96 8.49
N ASN B 28 -35.99 14.18 8.62
CA ASN B 28 -37.12 14.59 7.79
C ASN B 28 -36.69 14.64 6.33
N PHE B 29 -37.32 13.81 5.50
CA PHE B 29 -36.96 13.68 4.10
C PHE B 29 -37.99 14.39 3.22
N SER B 30 -37.50 15.01 2.15
CA SER B 30 -38.36 15.70 1.20
C SER B 30 -37.76 15.59 -0.19
N TRP B 31 -38.63 15.51 -1.18
CA TRP B 31 -38.22 15.48 -2.59
C TRP B 31 -38.12 16.87 -3.21
N ASP B 32 -38.30 17.93 -2.41
CA ASP B 32 -38.39 19.28 -2.97
C ASP B 32 -37.17 19.63 -3.80
N LYS B 33 -35.98 19.32 -3.28
CA LYS B 33 -34.73 19.45 -4.02
C LYS B 33 -33.98 18.13 -3.93
N VAL B 34 -32.79 18.08 -4.51
CA VAL B 34 -31.97 16.88 -4.43
C VAL B 34 -31.66 16.63 -2.95
N PRO B 35 -32.01 15.47 -2.41
CA PRO B 35 -31.71 15.22 -0.99
C PRO B 35 -30.23 14.93 -0.80
N VAL B 36 -29.60 15.70 0.08
CA VAL B 36 -28.17 15.60 0.31
C VAL B 36 -27.92 15.35 1.79
N ALA B 37 -26.78 14.73 2.08
CA ALA B 37 -26.30 14.52 3.44
C ALA B 37 -24.83 14.92 3.49
N PHE B 38 -24.29 14.95 4.71
CA PHE B 38 -22.90 15.31 4.90
C PHE B 38 -22.19 14.23 5.70
N HIS B 39 -20.90 14.07 5.43
CA HIS B 39 -20.09 13.06 6.10
C HIS B 39 -18.65 13.55 6.03
N PHE B 40 -18.16 14.12 7.12
CA PHE B 40 -16.81 14.66 7.13
C PHE B 40 -16.34 14.83 8.58
N GLY B 41 -15.05 15.13 8.71
CA GLY B 41 -14.49 15.62 9.94
C GLY B 41 -13.60 16.83 9.67
N LYS B 42 -13.80 17.92 10.40
CA LYS B 42 -13.01 19.12 10.22
C LYS B 42 -11.70 19.00 10.99
N ARG B 43 -10.60 19.37 10.35
CA ARG B 43 -9.27 19.16 10.90
C ARG B 43 -8.61 20.45 11.39
N ASP B 44 -9.40 21.48 11.71
CA ASP B 44 -8.89 22.63 12.46
C ASP B 44 -10.04 23.15 13.31
N GLY B 45 -10.13 22.65 14.54
CA GLY B 45 -11.21 23.01 15.43
C GLY B 45 -12.56 22.52 14.91
N LEU B 46 -13.60 22.92 15.64
CA LEU B 46 -14.96 22.62 15.22
C LEU B 46 -15.40 23.54 14.10
N MET B 47 -16.59 23.28 13.57
CA MET B 47 -17.12 24.11 12.49
C MET B 47 -17.37 25.53 12.98
N THR B 48 -17.12 26.49 12.12
CA THR B 48 -17.50 27.87 12.39
C THR B 48 -19.02 28.00 12.31
N LYS B 49 -19.52 29.16 12.74
CA LYS B 49 -20.95 29.41 12.66
C LYS B 49 -21.42 29.42 11.21
N ASP B 50 -20.61 29.99 10.31
CA ASP B 50 -20.95 29.97 8.89
C ASP B 50 -21.01 28.55 8.36
N GLU B 51 -20.02 27.73 8.71
CA GLU B 51 -20.02 26.34 8.24
C GLU B 51 -21.18 25.56 8.83
N ALA B 52 -21.48 25.77 10.12
CA ALA B 52 -22.60 25.07 10.74
C ALA B 52 -23.93 25.49 10.12
N LYS B 53 -24.08 26.78 9.82
CA LYS B 53 -25.31 27.25 9.17
C LYS B 53 -25.45 26.67 7.78
N PHE B 54 -24.33 26.56 7.04
CA PHE B 54 -24.37 25.98 5.71
C PHE B 54 -24.88 24.53 5.75
N VAL B 55 -24.33 23.73 6.66
CA VAL B 55 -24.68 22.31 6.70
C VAL B 55 -26.11 22.11 7.22
N THR B 56 -26.49 22.84 8.27
CA THR B 56 -27.78 22.59 8.90
C THR B 56 -28.94 23.09 8.06
N SER B 57 -28.74 24.12 7.24
CA SER B 57 -29.81 24.66 6.42
C SER B 57 -30.03 23.87 5.13
N ARG B 58 -29.08 23.01 4.74
CA ARG B 58 -29.19 22.27 3.49
C ARG B 58 -29.40 20.77 3.69
N SER B 59 -29.31 20.27 4.92
CA SER B 59 -29.52 18.85 5.17
C SER B 59 -29.99 18.65 6.60
N ASN B 60 -30.61 17.51 6.84
CA ASN B 60 -30.99 17.07 8.17
C ASN B 60 -30.17 15.87 8.64
N PHE B 61 -29.10 15.53 7.93
CA PHE B 61 -28.37 14.29 8.16
C PHE B 61 -26.88 14.54 7.98
N ILE B 62 -26.10 14.33 9.03
CA ILE B 62 -24.65 14.50 8.97
C ILE B 62 -23.98 13.41 9.81
N VAL B 63 -22.88 12.88 9.29
CA VAL B 63 -22.02 11.96 10.03
C VAL B 63 -20.73 12.70 10.34
N LEU B 64 -20.40 12.80 11.62
CA LEU B 64 -19.15 13.44 12.03
C LEU B 64 -18.07 12.38 12.18
N GLU B 65 -16.94 12.60 11.49
CA GLU B 65 -15.93 11.57 11.34
C GLU B 65 -15.01 11.50 12.55
N LYS B 66 -14.16 10.48 12.54
CA LYS B 66 -13.08 10.38 13.51
C LYS B 66 -12.14 11.57 13.37
N ALA B 67 -11.52 11.96 14.48
CA ALA B 67 -10.59 13.08 14.54
C ALA B 67 -11.24 14.41 14.18
N HIS B 68 -12.58 14.48 14.26
CA HIS B 68 -13.26 15.75 14.05
C HIS B 68 -12.90 16.72 15.16
N GLY B 69 -12.68 17.99 14.78
CA GLY B 69 -12.35 19.02 15.74
C GLY B 69 -10.90 19.06 16.16
N ALA B 70 -10.04 18.20 15.62
CA ALA B 70 -8.63 18.26 15.92
C ALA B 70 -8.03 19.54 15.33
N PRO B 71 -6.97 20.09 15.95
CA PRO B 71 -6.31 19.62 17.18
C PRO B 71 -6.84 20.28 18.46
N ASP B 72 -7.92 21.05 18.32
CA ASP B 72 -8.48 21.75 19.49
C ASP B 72 -8.99 20.76 20.53
N TYR B 73 -9.43 19.58 20.11
CA TYR B 73 -9.97 18.57 21.01
C TYR B 73 -9.07 17.36 21.02
N GLU B 74 -8.72 16.90 22.23
CA GLU B 74 -7.89 15.70 22.36
C GLU B 74 -8.64 14.44 21.96
N TYR B 75 -9.93 14.38 22.28
CA TYR B 75 -10.74 13.18 22.09
C TYR B 75 -11.88 13.46 21.13
N THR B 76 -12.11 12.53 20.20
CA THR B 76 -13.19 12.67 19.23
C THR B 76 -14.56 12.68 19.90
N GLU B 77 -14.71 11.93 20.99
CA GLU B 77 -16.00 11.86 21.68
C GLU B 77 -16.45 13.24 22.14
N ASP B 78 -15.53 14.02 22.72
CA ASP B 78 -15.88 15.35 23.21
C ASP B 78 -16.20 16.30 22.06
N ALA B 79 -15.43 16.23 20.97
CA ALA B 79 -15.64 17.16 19.86
C ALA B 79 -16.95 16.87 19.14
N ILE B 80 -17.27 15.60 18.90
CA ILE B 80 -18.50 15.25 18.21
C ILE B 80 -19.71 15.61 19.06
N ALA B 81 -19.65 15.33 20.36
CA ALA B 81 -20.76 15.66 21.24
C ALA B 81 -21.01 17.17 21.29
N LYS B 82 -19.94 17.96 21.35
CA LYS B 82 -20.10 19.42 21.35
C LYS B 82 -20.61 19.92 20.00
N GLU B 83 -20.08 19.37 18.90
CA GLU B 83 -20.53 19.79 17.58
C GLU B 83 -22.00 19.46 17.36
N ALA B 84 -22.44 18.30 17.85
CA ALA B 84 -23.85 17.93 17.74
C ALA B 84 -24.74 18.95 18.44
N ARG B 85 -24.30 19.44 19.60
CA ARG B 85 -25.06 20.47 20.30
C ARG B 85 -25.13 21.77 19.49
N LYS B 86 -24.01 22.15 18.87
CA LYS B 86 -24.01 23.36 18.04
C LYS B 86 -24.93 23.21 16.85
N LEU B 87 -24.89 22.06 16.18
CA LEU B 87 -25.71 21.86 14.98
C LEU B 87 -27.19 21.84 15.32
N LYS B 88 -27.57 21.11 16.38
CA LYS B 88 -28.98 21.03 16.75
C LYS B 88 -29.49 22.34 17.34
N LYS B 89 -28.60 23.23 17.76
CA LYS B 89 -29.03 24.58 18.14
C LYS B 89 -29.58 25.34 16.93
N LEU B 90 -28.97 25.14 15.76
CA LEU B 90 -29.45 25.78 14.55
C LEU B 90 -30.58 25.00 13.89
N ASN B 91 -30.53 23.67 13.97
CA ASN B 91 -31.55 22.82 13.35
C ASN B 91 -31.93 21.73 14.34
N PRO B 92 -33.02 21.92 15.09
CA PRO B 92 -33.42 20.88 16.06
C PRO B 92 -33.69 19.52 15.43
N GLY B 93 -34.09 19.49 14.16
CA GLY B 93 -34.34 18.25 13.47
C GLY B 93 -33.11 17.58 12.90
N MET B 94 -31.92 18.13 13.15
CA MET B 94 -30.70 17.55 12.63
C MET B 94 -30.40 16.21 13.28
N LYS B 95 -30.04 15.22 12.45
CA LYS B 95 -29.59 13.92 12.93
C LYS B 95 -28.07 13.89 12.81
N VAL B 96 -27.39 13.86 13.94
CA VAL B 96 -25.93 13.88 13.99
C VAL B 96 -25.46 12.50 14.41
N ILE B 97 -24.59 11.90 13.60
CA ILE B 97 -24.18 10.51 13.75
C ILE B 97 -22.75 10.47 14.27
N PHE B 98 -22.52 9.62 15.27
CA PHE B 98 -21.21 9.46 15.89
C PHE B 98 -20.44 8.35 15.18
N TYR B 99 -19.30 8.71 14.59
CA TYR B 99 -18.46 7.73 13.92
C TYR B 99 -17.71 6.88 14.95
N TRP B 100 -17.84 5.55 14.82
CA TRP B 100 -17.18 4.64 15.76
C TRP B 100 -16.85 3.37 14.96
N ASN B 101 -15.60 3.27 14.51
CA ASN B 101 -15.21 2.16 13.65
C ASN B 101 -15.36 0.84 14.37
N SER B 102 -15.97 -0.13 13.68
CA SER B 102 -16.25 -1.44 14.25
C SER B 102 -15.08 -2.40 14.12
N PHE B 103 -14.00 -1.99 13.47
CA PHE B 103 -12.88 -2.90 13.19
C PHE B 103 -11.50 -2.32 13.49
N LEU B 104 -11.32 -1.00 13.51
CA LEU B 104 -10.00 -0.39 13.59
C LEU B 104 -9.90 0.47 14.85
N ASP B 105 -8.75 0.36 15.52
CA ASP B 105 -8.52 1.05 16.79
C ASP B 105 -7.76 2.34 16.50
N TYR B 106 -8.50 3.40 16.20
CA TYR B 106 -7.90 4.71 15.98
C TYR B 106 -7.55 5.35 17.33
N ASN B 107 -6.48 6.14 17.32
CA ASN B 107 -5.83 6.56 18.56
C ASN B 107 -6.29 7.91 19.09
N MET B 108 -7.26 8.56 18.44
CA MET B 108 -7.72 9.87 18.88
C MET B 108 -9.03 9.82 19.65
N TYR B 109 -9.46 8.64 20.08
CA TYR B 109 -10.62 8.48 20.93
C TYR B 109 -10.20 8.26 22.38
N LYS B 110 -11.05 8.71 23.31
CA LYS B 110 -10.85 8.38 24.72
C LYS B 110 -10.89 6.87 24.93
N ALA B 111 -11.74 6.16 24.18
CA ALA B 111 -11.84 4.72 24.32
C ALA B 111 -10.57 4.00 23.90
N HIS B 112 -9.73 4.62 23.07
CA HIS B 112 -8.50 3.98 22.65
C HIS B 112 -7.57 3.71 23.83
N GLU B 113 -7.58 4.60 24.83
CA GLU B 113 -6.76 4.38 26.02
C GLU B 113 -7.19 3.12 26.76
N VAL B 114 -8.49 2.88 26.85
CA VAL B 114 -8.99 1.67 27.50
C VAL B 114 -8.57 0.43 26.71
N TYR B 115 -8.72 0.47 25.38
CA TYR B 115 -8.33 -0.67 24.55
C TYR B 115 -6.83 -0.93 24.64
N GLN B 116 -6.02 0.14 24.65
CA GLN B 116 -4.58 -0.01 24.76
C GLN B 116 -4.17 -0.64 26.09
N ASN B 117 -5.02 -0.58 27.11
CA ASN B 117 -4.72 -1.13 28.42
C ASN B 117 -5.17 -2.57 28.57
N HIS B 118 -5.64 -3.20 27.50
CA HIS B 118 -6.06 -4.60 27.51
C HIS B 118 -5.37 -5.34 26.37
N PRO B 119 -4.05 -5.55 26.47
CA PRO B 119 -3.37 -6.31 25.41
C PRO B 119 -3.82 -7.75 25.29
N GLN B 120 -4.45 -8.30 26.34
CA GLN B 120 -5.03 -9.64 26.25
C GLN B 120 -6.20 -9.69 25.28
N TRP B 121 -6.77 -8.54 24.90
CA TRP B 121 -7.85 -8.49 23.92
C TRP B 121 -7.34 -8.48 22.49
N TRP B 122 -6.11 -7.98 22.28
CA TRP B 122 -5.66 -7.65 20.93
C TRP B 122 -5.66 -8.87 20.02
N LEU B 123 -6.22 -8.68 18.83
CA LEU B 123 -6.32 -9.76 17.85
C LEU B 123 -4.93 -10.16 17.36
N ARG B 124 -4.73 -11.47 17.19
CA ARG B 124 -3.48 -11.99 16.69
C ARG B 124 -3.75 -12.90 15.49
N LYS B 125 -2.85 -12.84 14.51
CA LYS B 125 -2.95 -13.71 13.35
C LYS B 125 -2.65 -15.16 13.76
N GLN B 126 -2.88 -16.09 12.83
CA GLN B 126 -2.67 -17.50 13.13
C GLN B 126 -1.19 -17.84 13.32
N ASP B 127 -0.28 -16.95 12.95
CA ASP B 127 1.14 -17.14 13.24
C ASP B 127 1.54 -16.59 14.61
N GLY B 128 0.59 -16.06 15.37
CA GLY B 128 0.85 -15.55 16.70
C GLY B 128 1.16 -14.07 16.78
N GLU B 129 1.42 -13.42 15.64
CA GLU B 129 1.73 -11.99 15.65
C GLU B 129 0.46 -11.16 15.72
N LEU B 130 0.59 -9.96 16.29
CA LEU B 130 -0.53 -9.06 16.43
C LEU B 130 -1.01 -8.60 15.06
N ASP B 131 -2.32 -8.33 14.96
CA ASP B 131 -2.94 -7.92 13.70
C ASP B 131 -2.99 -6.40 13.64
N PHE B 132 -2.17 -5.82 12.77
CA PHE B 132 -2.14 -4.37 12.53
C PHE B 132 -2.54 -4.12 11.08
N LYS B 133 -3.49 -3.22 10.87
CA LYS B 133 -3.86 -2.83 9.51
C LYS B 133 -2.71 -2.10 8.82
N ASN B 134 -2.17 -1.09 9.48
CA ASN B 134 -1.00 -0.35 9.02
C ASN B 134 -0.25 0.10 10.26
N LYS B 135 0.58 1.14 10.12
CA LYS B 135 1.40 1.60 11.23
C LYS B 135 0.56 1.89 12.47
N GLY B 136 0.73 1.05 13.49
CA GLY B 136 0.07 1.25 14.77
C GLY B 136 -1.45 1.22 14.76
N LEU B 137 -2.07 0.58 13.76
CA LEU B 137 -3.53 0.54 13.67
C LEU B 137 -4.00 -0.90 13.92
N LYS B 138 -4.36 -1.19 15.16
CA LYS B 138 -4.81 -2.53 15.53
C LYS B 138 -6.21 -2.80 15.02
N ARG B 139 -6.51 -4.08 14.80
CA ARG B 139 -7.83 -4.53 14.38
C ARG B 139 -8.46 -5.36 15.48
N TYR B 140 -9.75 -5.11 15.72
CA TYR B 140 -10.46 -5.77 16.82
C TYR B 140 -10.71 -7.24 16.52
N ASP B 141 -10.65 -8.04 17.58
CA ASP B 141 -11.11 -9.44 17.53
C ASP B 141 -12.58 -9.44 17.90
N LEU B 142 -13.44 -9.33 16.88
CA LEU B 142 -14.88 -9.25 17.12
C LEU B 142 -15.46 -10.56 17.63
N SER B 143 -14.72 -11.67 17.51
CA SER B 143 -15.17 -12.93 18.08
C SER B 143 -15.03 -12.99 19.59
N ASN B 144 -14.37 -12.00 20.20
CA ASN B 144 -14.20 -11.96 21.64
C ASN B 144 -15.36 -11.21 22.27
N PRO B 145 -16.20 -11.87 23.08
CA PRO B 145 -17.33 -11.15 23.71
C PRO B 145 -16.89 -9.99 24.59
N LYS B 146 -15.72 -10.09 25.23
CA LYS B 146 -15.24 -9.00 26.06
C LYS B 146 -14.96 -7.76 25.23
N VAL B 147 -14.39 -7.94 24.03
CA VAL B 147 -14.15 -6.81 23.14
C VAL B 147 -15.47 -6.19 22.69
N ARG B 148 -16.45 -7.02 22.34
CA ARG B 148 -17.74 -6.51 21.91
C ARG B 148 -18.45 -5.76 23.03
N ASP B 149 -18.35 -6.27 24.26
CA ASP B 149 -18.99 -5.59 25.39
C ASP B 149 -18.39 -4.21 25.61
N TRP B 150 -17.07 -4.09 25.54
CA TRP B 150 -16.43 -2.78 25.66
C TRP B 150 -16.79 -1.89 24.48
N TRP B 151 -16.81 -2.45 23.26
CA TRP B 151 -17.07 -1.66 22.07
C TRP B 151 -18.47 -1.05 22.11
N THR B 152 -19.47 -1.85 22.45
CA THR B 152 -20.85 -1.34 22.50
C THR B 152 -21.07 -0.42 23.69
N ASP B 153 -20.30 -0.60 24.77
CA ASP B 153 -20.39 0.31 25.89
C ASP B 153 -19.92 1.71 25.50
N VAL B 154 -18.88 1.80 24.66
CA VAL B 154 -18.42 3.09 24.18
C VAL B 154 -19.52 3.78 23.37
N ALA B 155 -20.19 3.03 22.50
CA ALA B 155 -21.29 3.59 21.74
C ALA B 155 -22.44 4.01 22.64
N LYS B 156 -22.77 3.18 23.63
CA LYS B 156 -23.89 3.48 24.52
C LYS B 156 -23.65 4.76 25.32
N ASN B 157 -22.45 4.92 25.86
CA ASN B 157 -22.17 6.08 26.70
C ASN B 157 -22.07 7.38 25.92
N GLU B 158 -21.87 7.30 24.60
CA GLU B 158 -21.78 8.49 23.77
C GLU B 158 -23.12 8.92 23.20
N ILE B 159 -24.07 8.00 23.05
CA ILE B 159 -25.24 8.21 22.21
C ILE B 159 -26.54 8.16 23.01
N VAL B 160 -26.66 7.21 23.93
CA VAL B 160 -27.97 6.88 24.51
C VAL B 160 -28.60 8.10 25.17
N ASN B 161 -27.83 8.83 25.98
CA ASN B 161 -28.29 10.07 26.58
C ASN B 161 -27.45 11.26 26.14
N GLY B 162 -26.69 11.10 25.06
CA GLY B 162 -25.85 12.17 24.54
C GLY B 162 -26.55 13.02 23.51
N SER B 163 -25.78 13.88 22.87
CA SER B 163 -26.29 14.82 21.89
C SER B 163 -26.32 14.25 20.47
N THR B 164 -25.82 13.04 20.26
CA THR B 164 -25.84 12.42 18.95
C THR B 164 -27.07 11.53 18.81
N ASP B 165 -27.43 11.27 17.56
CA ASP B 165 -28.66 10.55 17.23
C ASP B 165 -28.41 9.14 16.70
N GLY B 166 -27.16 8.70 16.63
CA GLY B 166 -26.88 7.38 16.12
C GLY B 166 -25.39 7.13 15.99
N ILE B 167 -25.07 6.00 15.37
CA ILE B 167 -23.70 5.52 15.24
C ILE B 167 -23.43 5.15 13.79
N PHE B 168 -22.21 5.39 13.33
CA PHE B 168 -21.74 4.97 12.01
C PHE B 168 -20.78 3.81 12.22
N MET B 169 -21.22 2.60 11.90
CA MET B 169 -20.40 1.40 12.04
C MET B 169 -19.64 1.17 10.75
N ASP B 170 -18.38 1.56 10.72
CA ASP B 170 -17.57 1.48 9.52
C ASP B 170 -16.79 0.17 9.47
N ALA B 171 -16.16 -0.07 8.31
CA ALA B 171 -15.20 -1.15 8.08
C ALA B 171 -15.85 -2.53 8.05
N PHE B 172 -17.15 -2.62 7.76
CA PHE B 172 -17.79 -3.93 7.61
C PHE B 172 -17.19 -4.70 6.45
N ILE B 173 -16.91 -4.02 5.34
CA ILE B 173 -16.32 -4.68 4.17
C ILE B 173 -14.93 -5.21 4.51
N GLN B 174 -14.17 -4.47 5.32
CA GLN B 174 -12.84 -4.91 5.69
C GLN B 174 -12.89 -6.16 6.55
N VAL B 175 -13.89 -6.28 7.43
CA VAL B 175 -14.03 -7.47 8.26
C VAL B 175 -14.25 -8.71 7.40
N SER B 176 -15.12 -8.60 6.40
CA SER B 176 -15.52 -9.74 5.58
C SER B 176 -14.57 -10.00 4.42
N ASN B 177 -13.49 -9.23 4.30
CA ASN B 177 -12.56 -9.41 3.19
C ASN B 177 -11.99 -10.82 3.20
N PRO B 178 -12.12 -11.58 2.10
CA PRO B 178 -11.59 -12.95 2.09
C PRO B 178 -10.10 -13.02 2.31
N ALA B 179 -9.36 -11.94 2.07
CA ALA B 179 -7.92 -11.93 2.35
C ALA B 179 -7.62 -12.15 3.83
N ASN B 180 -8.60 -11.89 4.71
CA ASN B 180 -8.40 -12.13 6.13
C ASN B 180 -8.25 -13.62 6.45
N ILE B 181 -8.77 -14.51 5.59
CA ILE B 181 -8.61 -15.94 5.83
C ILE B 181 -7.15 -16.32 5.77
N LYS B 182 -6.38 -15.68 4.88
CA LYS B 182 -4.95 -15.94 4.82
C LYS B 182 -4.25 -15.53 6.11
N LEU B 183 -4.82 -14.58 6.84
CA LEU B 183 -4.22 -14.11 8.09
C LEU B 183 -4.72 -14.85 9.31
N TRP B 184 -5.99 -15.25 9.33
CA TRP B 184 -6.60 -15.84 10.52
C TRP B 184 -6.84 -17.34 10.41
N GLY B 185 -6.91 -17.89 9.20
CA GLY B 185 -7.45 -19.22 9.02
C GLY B 185 -8.96 -19.19 8.90
N GLN B 186 -9.51 -20.26 8.34
CA GLN B 186 -10.94 -20.26 8.03
C GLN B 186 -11.81 -20.22 9.29
N LYS B 187 -11.43 -20.97 10.33
CA LYS B 187 -12.27 -21.02 11.52
C LYS B 187 -12.30 -19.68 12.24
N LYS B 188 -11.14 -19.04 12.40
CA LYS B 188 -11.10 -17.74 13.06
C LYS B 188 -11.85 -16.69 12.24
N TYR B 189 -11.75 -16.78 10.91
CA TYR B 189 -12.50 -15.88 10.05
C TYR B 189 -14.00 -16.05 10.26
N ASN B 190 -14.47 -17.29 10.33
CA ASN B 190 -15.89 -17.53 10.57
C ASN B 190 -16.32 -17.03 11.94
N ASP B 191 -15.47 -17.20 12.95
CA ASP B 191 -15.80 -16.71 14.28
C ASP B 191 -15.92 -15.18 14.29
N ILE B 192 -15.03 -14.50 13.57
CA ILE B 192 -15.07 -13.04 13.55
C ILE B 192 -16.29 -12.54 12.77
N GLN B 193 -16.65 -13.23 11.68
CA GLN B 193 -17.86 -12.86 10.95
C GLN B 193 -19.10 -12.98 11.84
N GLN B 194 -19.19 -14.05 12.62
CA GLN B 194 -20.31 -14.21 13.54
C GLN B 194 -20.28 -13.14 14.62
N GLY B 195 -19.09 -12.78 15.11
CA GLY B 195 -18.98 -11.73 16.11
C GLY B 195 -19.47 -10.39 15.61
N LEU B 196 -19.25 -10.10 14.32
CA LEU B 196 -19.75 -8.85 13.76
C LEU B 196 -21.27 -8.79 13.80
N LYS B 197 -21.94 -9.91 13.46
CA LYS B 197 -23.39 -9.95 13.55
C LYS B 197 -23.85 -9.78 14.99
N ASP B 198 -23.15 -10.42 15.93
CA ASP B 198 -23.46 -10.22 17.35
C ASP B 198 -23.19 -8.79 17.78
N LEU B 199 -22.16 -8.16 17.21
CA LEU B 199 -21.86 -6.77 17.54
C LEU B 199 -23.01 -5.84 17.15
N ILE B 200 -23.58 -6.05 15.96
CA ILE B 200 -24.70 -5.22 15.53
C ILE B 200 -25.90 -5.43 16.43
N LYS B 201 -26.20 -6.69 16.75
CA LYS B 201 -27.35 -6.99 17.61
C LYS B 201 -27.17 -6.38 19.00
N GLU B 202 -25.98 -6.53 19.57
CA GLU B 202 -25.72 -5.95 20.88
C GLU B 202 -25.75 -4.42 20.84
N THR B 203 -25.29 -3.82 19.73
CA THR B 203 -25.34 -2.37 19.59
C THR B 203 -26.77 -1.87 19.63
N ARG B 204 -27.68 -2.53 18.89
CA ARG B 204 -29.07 -2.12 18.90
C ARG B 204 -29.69 -2.31 20.29
N GLU B 205 -29.33 -3.40 20.98
CA GLU B 205 -29.88 -3.64 22.31
C GLU B 205 -29.49 -2.53 23.28
N LYS B 206 -28.23 -2.07 23.23
CA LYS B 206 -27.76 -1.05 24.15
C LYS B 206 -28.14 0.36 23.72
N LEU B 207 -28.37 0.60 22.43
CA LEU B 207 -28.68 1.94 21.95
C LEU B 207 -30.17 2.29 22.04
N GLY B 208 -31.04 1.29 21.97
CA GLY B 208 -32.47 1.54 21.98
C GLY B 208 -33.05 1.66 20.58
N ASP B 209 -34.35 1.90 20.53
CA ASP B 209 -35.08 1.96 19.28
C ASP B 209 -35.14 3.37 18.67
N ASP B 210 -34.69 4.38 19.40
CA ASP B 210 -34.77 5.76 18.93
C ASP B 210 -33.46 6.26 18.35
N LYS B 211 -32.49 5.38 18.14
CA LYS B 211 -31.18 5.75 17.62
C LYS B 211 -30.95 5.09 16.27
N LEU B 212 -30.31 5.81 15.36
CA LEU B 212 -30.03 5.31 14.02
C LEU B 212 -28.73 4.52 14.02
N ILE B 213 -28.69 3.46 13.20
CA ILE B 213 -27.50 2.65 13.05
C ILE B 213 -27.11 2.66 11.58
N VAL B 214 -25.95 3.23 11.27
CA VAL B 214 -25.42 3.31 9.92
C VAL B 214 -24.26 2.33 9.80
N TYR B 215 -24.21 1.61 8.68
CA TYR B 215 -23.10 0.72 8.41
C TYR B 215 -22.66 0.87 6.97
N ASN B 216 -21.35 0.74 6.75
CA ASN B 216 -20.77 0.85 5.41
C ASN B 216 -20.96 -0.50 4.72
N GLY B 217 -21.93 -0.55 3.82
CA GLY B 217 -22.42 -1.80 3.26
C GLY B 217 -22.10 -2.02 1.80
N ILE B 218 -23.04 -1.66 0.94
CA ILE B 218 -22.99 -2.01 -0.47
C ILE B 218 -21.65 -1.62 -1.08
N ARG B 219 -21.01 -2.60 -1.72
CA ARG B 219 -19.76 -2.38 -2.45
C ARG B 219 -19.71 -3.39 -3.59
N SER B 220 -19.67 -2.90 -4.82
CA SER B 220 -19.70 -3.76 -6.01
C SER B 220 -18.36 -3.66 -6.72
N THR B 221 -17.66 -4.79 -6.81
CA THR B 221 -16.39 -4.88 -7.52
C THR B 221 -16.40 -6.14 -8.38
N PHE B 222 -15.41 -6.23 -9.26
CA PHE B 222 -15.26 -7.43 -10.08
C PHE B 222 -14.97 -8.65 -9.22
N GLN B 223 -14.16 -8.48 -8.16
CA GLN B 223 -13.79 -9.62 -7.33
C GLN B 223 -14.99 -10.16 -6.55
N ARG B 224 -15.79 -9.27 -5.96
CA ARG B 224 -16.96 -9.71 -5.23
C ARG B 224 -17.94 -8.55 -5.07
N ASN B 225 -19.21 -8.89 -4.94
CA ASN B 225 -20.28 -7.92 -4.71
C ASN B 225 -20.84 -8.10 -3.31
N VAL B 226 -20.91 -7.01 -2.57
CA VAL B 226 -21.54 -6.98 -1.25
C VAL B 226 -22.71 -6.02 -1.32
N GLY B 227 -23.89 -6.50 -0.96
CA GLY B 227 -25.09 -5.70 -0.95
C GLY B 227 -25.50 -5.28 0.45
N ASN B 228 -26.82 -5.13 0.65
CA ASN B 228 -27.37 -4.85 1.97
C ASN B 228 -27.40 -6.14 2.77
N ASN B 229 -26.21 -6.60 3.14
CA ASN B 229 -26.03 -7.90 3.75
C ASN B 229 -26.12 -7.88 5.28
N PHE B 230 -26.37 -6.72 5.89
CA PHE B 230 -26.67 -6.63 7.31
C PHE B 230 -27.94 -5.81 7.51
N PRO B 231 -29.07 -6.28 7.00
CA PRO B 231 -30.31 -5.48 7.13
C PRO B 231 -30.92 -5.51 8.52
N ASP B 232 -30.64 -6.53 9.33
CA ASP B 232 -31.22 -6.62 10.66
C ASP B 232 -30.63 -5.53 11.56
N TYR B 233 -31.52 -4.86 12.30
CA TYR B 233 -31.16 -3.91 13.35
C TYR B 233 -30.58 -2.60 12.82
N THR B 234 -30.36 -2.51 11.51
CA THR B 234 -29.71 -1.35 10.91
C THR B 234 -30.73 -0.49 10.18
N ASP B 235 -30.46 0.82 10.13
CA ASP B 235 -31.34 1.79 9.51
C ASP B 235 -30.78 2.43 8.25
N VAL B 236 -29.46 2.62 8.18
CA VAL B 236 -28.82 3.32 7.07
C VAL B 236 -27.71 2.44 6.51
N VAL B 237 -27.63 2.37 5.19
CA VAL B 237 -26.57 1.66 4.49
C VAL B 237 -25.92 2.61 3.50
N MET B 238 -24.60 2.58 3.43
CA MET B 238 -23.82 3.50 2.61
C MET B 238 -23.29 2.80 1.36
N ILE B 239 -23.39 3.48 0.23
CA ILE B 239 -22.69 3.09 -1.00
C ILE B 239 -21.52 4.05 -1.13
N GLU B 240 -20.36 3.63 -0.63
CA GLU B 240 -19.24 4.53 -0.47
C GLU B 240 -18.50 4.83 -1.76
N HIS B 241 -18.45 3.87 -2.69
CA HIS B 241 -17.53 3.93 -3.82
C HIS B 241 -18.25 3.89 -5.16
N PHE B 242 -19.33 4.65 -5.32
CA PHE B 242 -20.02 4.62 -6.60
C PHE B 242 -19.15 5.23 -7.69
N GLY B 243 -19.04 4.51 -8.80
CA GLY B 243 -18.35 5.03 -9.97
C GLY B 243 -16.90 5.38 -9.76
N HIS B 244 -16.26 4.82 -8.73
CA HIS B 244 -14.88 5.15 -8.43
C HIS B 244 -14.19 3.94 -7.81
N PHE B 245 -12.87 4.06 -7.65
CA PHE B 245 -12.01 3.01 -7.08
C PHE B 245 -12.18 1.75 -7.91
N ALA B 246 -12.59 0.63 -7.35
CA ALA B 246 -12.76 -0.62 -8.08
C ALA B 246 -14.19 -0.84 -8.53
N SER B 247 -15.04 0.19 -8.48
CA SER B 247 -16.45 0.07 -8.80
C SER B 247 -16.82 0.94 -10.00
N THR B 248 -15.90 1.10 -10.95
CA THR B 248 -16.12 1.98 -12.09
C THR B 248 -16.81 1.30 -13.26
N SER B 249 -16.88 -0.03 -13.29
CA SER B 249 -17.46 -0.72 -14.42
C SER B 249 -18.97 -0.54 -14.45
N LYS B 250 -19.54 -0.64 -15.66
CA LYS B 250 -20.99 -0.51 -15.80
C LYS B 250 -21.73 -1.59 -15.03
N GLU B 251 -21.13 -2.78 -14.89
CA GLU B 251 -21.74 -3.83 -14.08
C GLU B 251 -21.79 -3.43 -12.62
N SER B 252 -20.69 -2.89 -12.08
CA SER B 252 -20.66 -2.47 -10.69
C SER B 252 -21.60 -1.31 -10.44
N MET B 253 -21.62 -0.33 -11.36
CA MET B 253 -22.47 0.84 -11.18
C MET B 253 -23.94 0.45 -11.18
N LEU B 254 -24.35 -0.41 -12.12
CA LEU B 254 -25.74 -0.85 -12.15
C LEU B 254 -26.10 -1.62 -10.89
N THR B 255 -25.20 -2.48 -10.42
CA THR B 255 -25.45 -3.21 -9.18
C THR B 255 -25.60 -2.26 -8.01
N ASP B 256 -24.74 -1.24 -7.92
CA ASP B 256 -24.81 -0.28 -6.83
C ASP B 256 -26.15 0.46 -6.85
N ILE B 257 -26.58 0.90 -8.04
CA ILE B 257 -27.85 1.61 -8.14
C ILE B 257 -29.01 0.67 -7.82
N GLN B 258 -28.94 -0.57 -8.29
CA GLN B 258 -30.01 -1.53 -7.99
C GLN B 258 -30.10 -1.82 -6.49
N GLU B 259 -28.95 -1.91 -5.82
CA GLU B 259 -28.97 -2.15 -4.38
C GLU B 259 -29.55 -0.97 -3.62
N MET B 260 -29.28 0.26 -4.08
CA MET B 260 -29.93 1.42 -3.48
C MET B 260 -31.44 1.35 -3.61
N GLU B 261 -31.92 0.99 -4.81
CA GLU B 261 -33.36 0.86 -5.01
C GLU B 261 -33.93 -0.26 -4.15
N LYS B 262 -33.23 -1.39 -4.07
CA LYS B 262 -33.69 -2.51 -3.24
C LYS B 262 -33.70 -2.13 -1.76
N ALA B 263 -32.61 -1.53 -1.28
CA ALA B 263 -32.54 -1.15 0.13
C ALA B 263 -33.56 -0.08 0.46
N GLY B 264 -33.72 0.91 -0.42
CA GLY B 264 -34.69 1.96 -0.17
C GLY B 264 -36.12 1.45 -0.12
N LYS B 265 -36.46 0.53 -1.03
CA LYS B 265 -37.80 -0.06 -1.02
C LYS B 265 -38.04 -0.94 0.20
N SER B 266 -36.98 -1.37 0.88
CA SER B 266 -37.11 -2.10 2.14
C SER B 266 -37.29 -1.18 3.34
N GLY B 267 -37.23 0.14 3.14
CA GLY B 267 -37.37 1.10 4.21
C GLY B 267 -36.08 1.67 4.73
N LYS B 268 -34.94 1.31 4.12
CA LYS B 268 -33.64 1.76 4.60
C LYS B 268 -33.32 3.17 4.11
N ILE B 269 -32.65 3.94 4.95
CA ILE B 269 -31.95 5.14 4.47
C ILE B 269 -30.72 4.70 3.69
N VAL B 270 -30.51 5.29 2.53
CA VAL B 270 -29.36 4.98 1.69
C VAL B 270 -28.55 6.25 1.48
N VAL B 271 -27.25 6.16 1.73
CA VAL B 271 -26.31 7.25 1.49
C VAL B 271 -25.51 6.89 0.24
N PHE B 272 -25.64 7.73 -0.78
CA PHE B 272 -25.05 7.48 -2.10
C PHE B 272 -23.86 8.42 -2.25
N LYS B 273 -22.66 7.91 -2.05
CA LYS B 273 -21.44 8.70 -2.04
C LYS B 273 -20.80 8.66 -3.43
N ALA B 274 -20.74 9.82 -4.08
CA ALA B 274 -20.19 9.97 -5.42
C ALA B 274 -18.91 10.79 -5.37
N TRP B 275 -18.17 10.76 -6.48
CA TRP B 275 -16.85 11.37 -6.56
C TRP B 275 -16.73 12.12 -7.88
N PRO B 276 -15.94 13.21 -7.92
CA PRO B 276 -15.80 13.97 -9.17
C PRO B 276 -14.73 13.41 -10.09
N GLY B 277 -14.68 12.10 -10.26
CA GLY B 277 -13.65 11.49 -11.07
C GLY B 277 -12.29 11.40 -10.42
N PHE B 278 -12.15 11.82 -9.17
CA PHE B 278 -10.89 11.73 -8.45
C PHE B 278 -11.18 11.72 -6.96
N ALA B 279 -10.20 11.27 -6.18
CA ALA B 279 -10.30 11.18 -4.74
C ALA B 279 -9.05 11.79 -4.10
N TRP B 280 -9.10 11.93 -2.78
CA TRP B 280 -8.00 12.55 -2.04
C TRP B 280 -6.74 11.71 -2.05
N ILE B 281 -6.81 10.44 -2.47
CA ILE B 281 -5.64 9.58 -2.53
C ILE B 281 -4.90 9.68 -3.86
N ASP B 282 -5.44 10.42 -4.83
CA ASP B 282 -4.80 10.59 -6.13
C ASP B 282 -3.87 11.79 -6.04
N LYS B 283 -2.56 11.52 -6.04
CA LYS B 283 -1.57 12.58 -5.80
C LYS B 283 -1.60 13.64 -6.91
N GLU B 284 -1.71 13.20 -8.16
CA GLU B 284 -1.68 14.16 -9.27
C GLU B 284 -2.92 15.05 -9.26
N ALA B 285 -4.10 14.45 -9.05
CA ALA B 285 -5.33 15.25 -8.99
C ALA B 285 -5.33 16.18 -7.78
N MET B 286 -4.74 15.73 -6.66
CA MET B 286 -4.67 16.57 -5.47
C MET B 286 -3.67 17.71 -5.62
N SER B 287 -2.73 17.60 -6.57
CA SER B 287 -1.74 18.64 -6.76
C SER B 287 -2.27 19.84 -7.53
N LYS B 288 -3.41 19.70 -8.19
CA LYS B 288 -3.99 20.80 -8.95
C LYS B 288 -4.54 21.86 -8.00
N PRO B 289 -4.67 23.10 -8.49
CA PRO B 289 -5.23 24.16 -7.63
C PRO B 289 -6.66 23.84 -7.24
N TYR B 290 -7.08 24.41 -6.11
CA TYR B 290 -8.42 24.14 -5.59
C TYR B 290 -9.50 24.59 -6.57
N VAL B 291 -9.30 25.72 -7.23
CA VAL B 291 -10.27 26.19 -8.21
C VAL B 291 -10.39 25.21 -9.37
N GLU B 292 -9.27 24.58 -9.76
CA GLU B 292 -9.34 23.57 -10.81
C GLU B 292 -10.08 22.33 -10.33
N LYS B 293 -9.90 21.96 -9.06
CA LYS B 293 -10.68 20.86 -8.49
C LYS B 293 -12.16 21.21 -8.46
N GLN B 294 -12.49 22.47 -8.15
CA GLN B 294 -13.88 22.90 -8.18
C GLN B 294 -14.46 22.79 -9.58
N LYS B 295 -13.70 23.24 -10.58
CA LYS B 295 -14.20 23.22 -11.96
C LYS B 295 -14.44 21.80 -12.45
N ILE B 296 -13.51 20.88 -12.13
CA ILE B 296 -13.70 19.49 -12.50
C ILE B 296 -14.93 18.91 -11.80
N ALA B 297 -15.06 19.18 -10.50
CA ALA B 297 -16.25 18.74 -9.78
C ALA B 297 -17.51 19.38 -10.33
N LYS B 298 -17.44 20.67 -10.68
CA LYS B 298 -18.56 21.36 -11.30
C LYS B 298 -19.03 20.63 -12.55
N ASN B 299 -18.09 20.18 -13.38
CA ASN B 299 -18.38 19.65 -14.70
C ASN B 299 -18.44 18.12 -14.72
N SER B 300 -18.35 17.47 -13.57
CA SER B 300 -18.42 16.01 -13.50
C SER B 300 -19.57 15.52 -12.61
N ILE B 301 -20.48 16.40 -12.20
CA ILE B 301 -21.54 16.01 -11.27
C ILE B 301 -22.75 15.40 -11.97
N THR B 302 -22.94 15.68 -13.27
CA THR B 302 -24.17 15.27 -13.94
C THR B 302 -24.32 13.75 -13.97
N PHE B 303 -23.24 13.03 -14.30
CA PHE B 303 -23.35 11.58 -14.38
C PHE B 303 -23.66 10.92 -13.04
N PRO B 304 -22.91 11.15 -11.96
CA PRO B 304 -23.26 10.51 -10.69
C PRO B 304 -24.60 10.97 -10.13
N LEU B 305 -24.98 12.24 -10.33
CA LEU B 305 -26.27 12.70 -9.86
C LEU B 305 -27.41 12.04 -10.61
N ALA B 306 -27.27 11.89 -11.93
CA ALA B 306 -28.28 11.21 -12.72
C ALA B 306 -28.41 9.75 -12.29
N ALA B 307 -27.29 9.09 -12.03
CA ALA B 307 -27.33 7.71 -11.56
C ALA B 307 -28.02 7.62 -10.20
N PHE B 308 -27.72 8.55 -9.30
CA PHE B 308 -28.41 8.59 -8.01
C PHE B 308 -29.91 8.80 -8.20
N LEU B 309 -30.28 9.80 -8.99
CA LEU B 309 -31.69 10.10 -9.20
C LEU B 309 -32.41 8.96 -9.91
N ALA B 310 -31.68 8.17 -10.70
CA ALA B 310 -32.31 7.05 -11.40
C ALA B 310 -32.87 6.03 -10.41
N GLY B 311 -32.12 5.71 -9.36
CA GLY B 311 -32.55 4.68 -8.43
C GLY B 311 -32.90 5.18 -7.05
N ALA B 312 -32.89 6.49 -6.85
CA ALA B 312 -33.16 7.05 -5.53
C ALA B 312 -34.57 6.71 -5.08
N GLN B 313 -34.71 6.35 -3.81
CA GLN B 313 -35.99 6.11 -3.17
C GLN B 313 -36.18 7.12 -2.04
N GLU B 314 -37.29 7.00 -1.34
CA GLU B 314 -37.48 7.80 -0.13
C GLU B 314 -36.36 7.51 0.86
N HIS B 315 -35.83 8.60 1.45
CA HIS B 315 -34.72 8.53 2.40
C HIS B 315 -33.41 8.12 1.74
N SER B 316 -33.26 8.39 0.45
CA SER B 316 -31.98 8.23 -0.24
C SER B 316 -31.28 9.58 -0.32
N TYR B 317 -29.98 9.60 -0.03
CA TYR B 317 -29.23 10.84 0.10
C TYR B 317 -28.00 10.83 -0.80
N PHE B 318 -27.67 12.00 -1.33
CA PHE B 318 -26.55 12.18 -2.25
C PHE B 318 -25.43 12.93 -1.54
N ILE B 319 -24.21 12.42 -1.66
CA ILE B 319 -23.02 13.10 -1.17
C ILE B 319 -22.00 13.16 -2.31
N TYR B 320 -21.45 14.34 -2.56
CA TYR B 320 -20.57 14.55 -3.71
C TYR B 320 -19.40 15.42 -3.28
N ASN B 321 -18.23 14.80 -3.18
CA ASN B 321 -16.97 15.47 -2.83
C ASN B 321 -15.84 14.49 -3.14
N TRP B 322 -14.61 14.84 -2.76
CA TRP B 322 -13.47 13.97 -3.03
C TRP B 322 -12.73 13.54 -1.76
N GLY B 323 -13.40 13.56 -0.61
CA GLY B 323 -12.74 13.10 0.60
C GLY B 323 -13.63 13.25 1.81
N TYR B 324 -13.09 12.82 2.95
CA TYR B 324 -13.83 12.84 4.21
C TYR B 324 -13.29 13.86 5.20
N ARG B 325 -12.26 14.62 4.84
CA ARG B 325 -11.92 15.83 5.55
C ARG B 325 -12.71 16.98 4.95
N MET B 326 -13.14 17.92 5.81
CA MET B 326 -14.09 18.94 5.39
C MET B 326 -13.57 19.75 4.21
N GLU B 327 -12.25 20.01 4.17
CA GLU B 327 -11.68 20.83 3.11
C GLU B 327 -11.69 20.15 1.75
N MET B 328 -11.99 18.86 1.69
CA MET B 328 -11.97 18.10 0.44
C MET B 328 -13.28 18.25 -0.33
N GLY B 329 -13.72 19.49 -0.55
CA GLY B 329 -14.90 19.76 -1.32
C GLY B 329 -16.21 19.45 -0.64
N CYS B 330 -16.19 19.18 0.67
CA CYS B 330 -17.41 18.76 1.35
C CYS B 330 -18.45 19.87 1.44
N LEU B 331 -18.01 21.12 1.53
CA LEU B 331 -18.92 22.25 1.63
C LEU B 331 -19.14 22.96 0.31
N GLU B 332 -18.72 22.36 -0.79
CA GLU B 332 -19.05 22.91 -2.11
C GLU B 332 -20.54 22.78 -2.37
N TRP B 333 -21.09 23.74 -3.11
CA TRP B 333 -22.48 23.72 -3.50
C TRP B 333 -22.58 23.84 -5.01
N TYR B 334 -23.63 23.25 -5.57
CA TYR B 334 -23.78 23.15 -7.00
C TYR B 334 -25.17 23.60 -7.43
N PRO B 335 -25.30 24.20 -8.61
CA PRO B 335 -26.63 24.67 -9.05
C PRO B 335 -27.66 23.56 -9.14
N GLU B 336 -27.23 22.32 -9.41
CA GLU B 336 -28.15 21.20 -9.44
C GLU B 336 -28.81 20.96 -8.08
N PHE B 337 -28.17 21.38 -6.99
CA PHE B 337 -28.73 21.18 -5.66
C PHE B 337 -29.77 22.22 -5.28
N ASP B 338 -29.93 23.28 -6.09
CA ASP B 338 -30.95 24.29 -5.83
C ASP B 338 -32.15 24.18 -6.76
N LYS B 339 -32.07 23.35 -7.80
CA LYS B 339 -33.18 23.21 -8.72
C LYS B 339 -34.33 22.45 -8.06
N PRO B 340 -35.58 22.81 -8.33
CA PRO B 340 -36.70 21.99 -7.88
C PRO B 340 -36.63 20.60 -8.50
N LEU B 341 -36.94 19.59 -7.68
CA LEU B 341 -36.94 18.20 -8.15
C LEU B 341 -38.33 17.60 -8.11
N GLY B 342 -38.99 17.61 -6.95
CA GLY B 342 -40.32 17.04 -6.84
C GLY B 342 -40.29 15.53 -6.70
N LYS B 343 -41.48 14.97 -6.50
CA LYS B 343 -41.61 13.54 -6.27
C LYS B 343 -41.32 12.76 -7.56
N PRO B 344 -40.79 11.55 -7.43
CA PRO B 344 -40.68 10.68 -8.61
C PRO B 344 -42.05 10.26 -9.09
N LEU B 345 -42.22 10.26 -10.42
CA LEU B 345 -43.48 9.88 -11.03
C LEU B 345 -43.55 8.40 -11.41
N ASN B 346 -42.40 7.74 -11.52
CA ASN B 346 -42.35 6.34 -11.90
C ASN B 346 -41.18 5.68 -11.18
N ASP B 347 -41.11 4.35 -11.29
CA ASP B 347 -39.94 3.64 -10.82
C ASP B 347 -38.84 3.68 -11.87
N MET B 348 -37.65 3.24 -11.49
CA MET B 348 -36.53 3.16 -12.43
C MET B 348 -36.88 2.26 -13.61
N VAL B 349 -36.50 2.70 -14.80
CA VAL B 349 -36.66 1.94 -16.03
C VAL B 349 -35.28 1.56 -16.54
N ILE B 350 -35.05 0.26 -16.71
CA ILE B 350 -33.77 -0.25 -17.19
C ILE B 350 -33.95 -0.69 -18.63
N ASN B 351 -33.12 -0.14 -19.52
CA ASN B 351 -33.11 -0.48 -20.94
C ASN B 351 -31.66 -0.74 -21.32
N GLY B 352 -31.23 -1.99 -21.17
CA GLY B 352 -29.84 -2.33 -21.36
C GLY B 352 -28.97 -1.71 -20.28
N TRP B 353 -28.09 -0.80 -20.67
CA TRP B 353 -27.28 -0.04 -19.73
C TRP B 353 -27.78 1.38 -19.54
N VAL B 354 -29.00 1.67 -20.00
CA VAL B 354 -29.59 3.00 -19.92
C VAL B 354 -30.65 2.99 -18.83
N LEU B 355 -30.55 3.96 -17.91
CA LEU B 355 -31.52 4.12 -16.84
C LEU B 355 -32.26 5.44 -17.01
N THR B 356 -33.58 5.40 -16.82
CA THR B 356 -34.40 6.60 -16.91
C THR B 356 -35.31 6.69 -15.69
N ARG B 357 -35.62 7.91 -15.30
CA ARG B 357 -36.51 8.18 -14.18
C ARG B 357 -37.13 9.55 -14.39
N GLU B 358 -38.42 9.67 -14.06
CA GLU B 358 -39.16 10.91 -14.21
C GLU B 358 -39.55 11.47 -12.84
N TYR B 359 -39.17 12.71 -12.59
CA TYR B 359 -39.60 13.46 -11.43
C TYR B 359 -40.53 14.59 -11.87
N GLU B 360 -41.10 15.28 -10.88
CA GLU B 360 -42.04 16.36 -11.20
C GLU B 360 -41.37 17.46 -12.00
N HIS B 361 -40.10 17.76 -11.70
CA HIS B 361 -39.41 18.87 -12.35
C HIS B 361 -38.09 18.43 -12.98
N ALA B 362 -37.93 17.15 -13.28
CA ALA B 362 -36.69 16.68 -13.89
C ALA B 362 -36.92 15.33 -14.55
N LEU B 363 -36.40 15.17 -15.76
CA LEU B 363 -36.32 13.89 -16.43
C LEU B 363 -34.88 13.44 -16.46
N VAL B 364 -34.62 12.23 -15.99
CA VAL B 364 -33.27 11.73 -15.77
C VAL B 364 -32.97 10.64 -16.78
N TRP B 365 -31.81 10.75 -17.43
CA TRP B 365 -31.34 9.76 -18.39
C TRP B 365 -29.85 9.56 -18.17
N VAL B 366 -29.41 8.30 -18.14
CA VAL B 366 -28.01 8.00 -17.90
C VAL B 366 -27.66 6.68 -18.59
N ASN B 367 -26.53 6.68 -19.31
CA ASN B 367 -26.02 5.48 -19.97
C ASN B 367 -24.76 5.05 -19.22
N LEU B 368 -24.88 3.96 -18.46
CA LEU B 368 -23.75 3.49 -17.66
C LEU B 368 -22.62 2.98 -18.55
N GLU B 369 -22.93 2.49 -19.75
CA GLU B 369 -21.89 1.96 -20.62
C GLU B 369 -21.02 3.06 -21.20
N THR B 370 -21.64 4.14 -21.69
CA THR B 370 -20.92 5.22 -22.35
C THR B 370 -20.60 6.38 -21.42
N ASN B 371 -20.99 6.30 -20.15
CA ASN B 371 -20.76 7.36 -19.17
C ASN B 371 -21.40 8.68 -19.60
N GLU B 372 -22.54 8.59 -20.29
CA GLU B 372 -23.33 9.76 -20.65
C GLU B 372 -24.50 9.91 -19.69
N ALA B 373 -24.90 11.15 -19.46
CA ALA B 373 -26.04 11.41 -18.58
C ALA B 373 -26.64 12.76 -18.93
N LYS B 374 -27.95 12.86 -18.73
CA LYS B 374 -28.68 14.11 -18.92
C LYS B 374 -29.72 14.24 -17.80
N ILE B 375 -29.77 15.42 -17.18
CA ILE B 375 -30.83 15.77 -16.25
C ILE B 375 -31.57 16.96 -16.84
N ASN B 376 -32.77 16.71 -17.35
CA ASN B 376 -33.55 17.74 -18.02
C ASN B 376 -34.49 18.38 -16.99
N TRP B 377 -34.01 19.45 -16.38
CA TRP B 377 -34.83 20.19 -15.42
C TRP B 377 -36.01 20.84 -16.12
N LYS B 378 -37.14 20.90 -15.42
CA LYS B 378 -38.40 21.30 -16.05
C LYS B 378 -39.30 22.10 -15.11
C1 EDO C . -15.60 5.80 4.72
O1 EDO C . -15.34 4.54 5.34
C2 EDO C . -15.61 6.90 5.76
O2 EDO C . -14.35 6.91 6.44
#